data_9BE7
#
_entry.id   9BE7
#
_entity_poly.entity_id   1
_entity_poly.type   'polypeptide(L)'
_entity_poly.pdbx_seq_one_letter_code
;MNVGDNSNFFVIKAKENGVNVFGMTRGTDTRFHHSEKLDKGEVMIAQFTEHTSAVKIRGKAIIQTSYGTLDTEKDEGGGG
SGGGGSMNVGDNSNFFVIKAKENGVNVFGMTRGTDTRFHHSEKLDKGEVMIAQFTEHTSAVKIRGKAIIQTSYGTLDTEK
DEENLYFQ
;
_entity_poly.pdbx_strand_id   A,D,E,F,B,C
#
# COMPACT_ATOMS: atom_id res chain seq x y z
N ASN A 8 -11.39 12.65 -0.35
CA ASN A 8 -10.49 13.44 0.47
C ASN A 8 -11.24 14.60 1.12
N PHE A 9 -10.52 15.43 1.87
CA PHE A 9 -11.15 16.52 2.60
C PHE A 9 -10.24 17.73 2.61
N PHE A 10 -10.78 18.84 3.10
CA PHE A 10 -10.05 20.10 3.20
C PHE A 10 -10.49 20.82 4.46
N VAL A 11 -9.71 21.81 4.86
CA VAL A 11 -9.97 22.59 6.07
C VAL A 11 -9.86 24.07 5.73
N ILE A 12 -10.75 24.87 6.31
CA ILE A 12 -10.74 26.32 6.14
C ILE A 12 -10.76 26.98 7.51
N LYS A 13 -10.18 28.16 7.60
CA LYS A 13 -10.26 29.00 8.79
C LYS A 13 -10.54 30.43 8.35
N ALA A 14 -11.37 31.14 9.11
CA ALA A 14 -11.82 32.48 8.76
C ALA A 14 -11.04 33.51 9.54
N LYS A 15 -10.55 34.54 8.84
CA LYS A 15 -9.88 35.66 9.46
C LYS A 15 -10.78 36.87 9.65
N GLU A 16 -12.05 36.78 9.24
CA GLU A 16 -12.96 37.92 9.32
C GLU A 16 -14.39 37.39 9.32
N ASN A 17 -15.33 38.33 9.31
CA ASN A 17 -16.74 37.97 9.17
C ASN A 17 -17.15 38.08 7.71
N GLY A 18 -17.92 37.09 7.25
CA GLY A 18 -18.43 37.10 5.90
C GLY A 18 -17.69 36.23 4.91
N VAL A 19 -16.68 35.49 5.35
CA VAL A 19 -16.02 34.53 4.47
C VAL A 19 -17.08 33.60 3.90
N ASN A 20 -17.09 33.46 2.57
CA ASN A 20 -18.19 32.81 1.87
C ASN A 20 -17.71 31.55 1.18
N VAL A 21 -18.63 30.60 1.00
CA VAL A 21 -18.37 29.34 0.32
C VAL A 21 -19.46 29.12 -0.71
N PHE A 22 -19.05 28.85 -1.95
CA PHE A 22 -19.97 28.53 -3.03
C PHE A 22 -19.72 27.10 -3.50
N GLY A 23 -20.78 26.29 -3.49
CA GLY A 23 -20.67 24.94 -4.03
C GLY A 23 -21.15 24.89 -5.47
N MET A 24 -20.29 24.36 -6.34
CA MET A 24 -20.58 24.25 -7.76
C MET A 24 -21.24 22.91 -8.06
N THR A 25 -22.30 22.94 -8.85
CA THR A 25 -22.98 21.71 -9.25
C THR A 25 -22.03 20.85 -10.08
N ARG A 26 -21.98 19.55 -9.77
CA ARG A 26 -21.10 18.64 -10.49
C ARG A 26 -21.62 18.46 -11.92
N GLY A 27 -20.71 18.59 -12.88
CA GLY A 27 -21.05 18.42 -14.27
C GLY A 27 -20.72 19.67 -15.06
N THR A 28 -20.98 19.60 -16.37
CA THR A 28 -20.75 20.76 -17.23
C THR A 28 -21.61 21.94 -16.82
N ASP A 29 -22.88 21.69 -16.50
CA ASP A 29 -23.78 22.73 -16.04
C ASP A 29 -23.33 23.17 -14.65
N THR A 30 -22.74 24.36 -14.56
CA THR A 30 -22.13 24.85 -13.35
C THR A 30 -22.89 26.07 -12.85
N ARG A 31 -23.33 26.02 -11.59
CA ARG A 31 -23.88 27.19 -10.92
C ARG A 31 -23.76 26.95 -9.42
N PHE A 32 -23.93 28.04 -8.66
CA PHE A 32 -23.68 28.03 -7.22
C PHE A 32 -24.99 27.74 -6.50
N HIS A 33 -24.96 26.74 -5.62
CA HIS A 33 -26.16 26.32 -4.88
C HIS A 33 -26.17 26.82 -3.44
N HIS A 34 -25.06 27.35 -2.95
CA HIS A 34 -24.96 27.77 -1.56
C HIS A 34 -24.08 29.01 -1.46
N SER A 35 -24.33 29.80 -0.44
CA SER A 35 -23.53 30.99 -0.15
C SER A 35 -23.38 31.08 1.36
N GLU A 36 -22.33 30.45 1.88
CA GLU A 36 -22.12 30.41 3.32
C GLU A 36 -21.64 31.78 3.82
N LYS A 37 -21.74 31.97 5.13
CA LYS A 37 -21.21 33.17 5.79
C LYS A 37 -20.46 32.69 7.04
N LEU A 38 -19.18 33.03 7.11
CA LEU A 38 -18.34 32.63 8.23
C LEU A 38 -17.85 33.85 9.00
N ASP A 39 -18.07 33.82 10.31
CA ASP A 39 -17.59 34.88 11.19
C ASP A 39 -16.10 34.72 11.44
N LYS A 40 -15.53 35.69 12.16
CA LYS A 40 -14.12 35.63 12.51
C LYS A 40 -13.86 34.48 13.47
N GLY A 41 -12.83 33.69 13.17
CA GLY A 41 -12.50 32.52 13.96
C GLY A 41 -13.19 31.24 13.51
N GLU A 42 -13.96 31.28 12.43
CA GLU A 42 -14.64 30.09 11.94
C GLU A 42 -13.64 29.05 11.44
N VAL A 43 -14.06 27.79 11.51
CA VAL A 43 -13.32 26.66 10.97
C VAL A 43 -14.32 25.71 10.33
N MET A 44 -14.03 25.31 9.09
CA MET A 44 -14.95 24.48 8.31
C MET A 44 -14.24 23.22 7.85
N ILE A 45 -14.98 22.13 7.86
CA ILE A 45 -14.51 20.84 7.35
C ILE A 45 -15.60 20.28 6.47
N ALA A 46 -15.22 19.75 5.30
CA ALA A 46 -16.20 19.26 4.35
C ALA A 46 -15.54 18.26 3.41
N GLN A 47 -16.39 17.50 2.71
CA GLN A 47 -15.94 16.51 1.75
C GLN A 47 -16.27 16.96 0.33
N PHE A 48 -15.72 16.23 -0.63
CA PHE A 48 -16.16 16.33 -2.01
C PHE A 48 -17.18 15.23 -2.31
N THR A 49 -18.36 15.65 -2.73
CA THR A 49 -19.51 14.76 -2.87
C THR A 49 -19.93 14.69 -4.33
N GLU A 50 -20.75 13.69 -4.63
CA GLU A 50 -21.32 13.57 -5.97
C GLU A 50 -22.09 14.83 -6.36
N HIS A 51 -22.68 15.51 -5.38
CA HIS A 51 -23.39 16.76 -5.68
C HIS A 51 -22.44 17.94 -5.85
N THR A 52 -21.28 17.90 -5.20
CA THR A 52 -20.33 19.01 -5.23
C THR A 52 -18.95 18.46 -5.54
N SER A 53 -18.45 18.76 -6.74
CA SER A 53 -17.10 18.36 -7.14
C SER A 53 -16.10 19.48 -7.00
N ALA A 54 -16.56 20.72 -6.79
CA ALA A 54 -15.67 21.86 -6.68
C ALA A 54 -16.25 22.86 -5.69
N VAL A 55 -15.38 23.70 -5.15
CA VAL A 55 -15.77 24.70 -4.16
C VAL A 55 -15.05 26.00 -4.46
N LYS A 56 -15.76 27.11 -4.31
CA LYS A 56 -15.21 28.45 -4.48
C LYS A 56 -15.23 29.17 -3.14
N ILE A 57 -14.05 29.63 -2.71
CA ILE A 57 -13.88 30.27 -1.41
C ILE A 57 -13.71 31.76 -1.61
N ARG A 58 -14.26 32.56 -0.70
CA ARG A 58 -14.20 34.00 -0.82
C ARG A 58 -14.05 34.61 0.56
N GLY A 59 -13.31 35.72 0.62
CA GLY A 59 -13.06 36.40 1.88
C GLY A 59 -11.72 36.05 2.49
N LYS A 60 -11.42 36.73 3.59
CA LYS A 60 -10.16 36.54 4.31
C LYS A 60 -10.24 35.22 5.07
N ALA A 61 -9.47 34.23 4.63
CA ALA A 61 -9.53 32.90 5.22
C ALA A 61 -8.20 32.19 5.03
N ILE A 62 -8.04 31.10 5.77
CA ILE A 62 -6.90 30.20 5.64
C ILE A 62 -7.41 28.85 5.18
N ILE A 63 -6.82 28.34 4.11
CA ILE A 63 -7.19 27.05 3.54
C ILE A 63 -6.04 26.08 3.72
N GLN A 64 -6.38 24.83 4.05
CA GLN A 64 -5.39 23.82 4.38
C GLN A 64 -5.81 22.49 3.75
N THR A 65 -4.87 21.87 3.04
CA THR A 65 -5.14 20.65 2.32
C THR A 65 -3.91 19.75 2.35
N SER A 66 -4.01 18.61 1.65
CA SER A 66 -2.90 17.68 1.60
C SER A 66 -1.68 18.27 0.91
N TYR A 67 -1.88 19.23 0.01
CA TYR A 67 -0.78 19.85 -0.70
C TYR A 67 -0.10 20.94 0.11
N GLY A 68 -0.61 21.26 1.29
CA GLY A 68 -0.02 22.26 2.15
C GLY A 68 -1.03 23.25 2.69
N THR A 69 -0.54 24.35 3.24
CA THR A 69 -1.37 25.40 3.82
C THR A 69 -1.26 26.66 2.98
N LEU A 70 -2.40 27.24 2.63
CA LEU A 70 -2.44 28.42 1.77
C LEU A 70 -3.11 29.56 2.51
N ASP A 71 -2.67 30.77 2.22
CA ASP A 71 -3.25 31.99 2.77
C ASP A 71 -3.86 32.82 1.65
N THR A 72 -5.01 33.43 1.93
CA THR A 72 -5.71 34.19 0.91
C THR A 72 -5.04 35.54 0.65
N GLU A 73 -4.32 36.07 1.64
CA GLU A 73 -3.77 37.42 1.56
C GLU A 73 -2.32 37.44 1.10
N LYS A 74 -1.51 36.48 1.52
CA LYS A 74 -0.10 36.46 1.14
C LYS A 74 0.04 36.45 -0.37
N ASP A 75 0.93 37.30 -0.88
CA ASP A 75 1.17 37.39 -2.31
C ASP A 75 2.05 36.24 -2.79
N ASN A 94 -8.45 12.28 -7.65
CA ASN A 94 -7.53 13.36 -7.32
C ASN A 94 -8.22 14.72 -7.48
N PHE A 95 -7.50 15.78 -7.09
CA PHE A 95 -8.00 17.13 -7.17
C PHE A 95 -6.84 18.09 -7.28
N PHE A 96 -7.16 19.36 -7.52
CA PHE A 96 -6.17 20.40 -7.75
C PHE A 96 -6.60 21.70 -7.09
N VAL A 97 -5.65 22.62 -6.95
CA VAL A 97 -5.84 23.87 -6.21
C VAL A 97 -5.44 25.03 -7.11
N ILE A 98 -6.17 26.14 -6.99
CA ILE A 98 -5.84 27.38 -7.68
C ILE A 98 -6.03 28.54 -6.70
N LYS A 99 -5.12 29.49 -6.75
CA LYS A 99 -5.21 30.73 -5.97
C LYS A 99 -4.99 31.90 -6.91
N ALA A 100 -5.96 32.81 -6.97
CA ALA A 100 -5.91 33.94 -7.89
C ALA A 100 -4.97 35.00 -7.32
N LYS A 101 -3.85 35.24 -8.02
CA LYS A 101 -2.91 36.26 -7.58
C LYS A 101 -3.40 37.65 -7.92
N GLU A 102 -4.24 37.79 -8.95
CA GLU A 102 -4.70 39.09 -9.41
C GLU A 102 -6.16 39.00 -9.81
N ASN A 103 -6.71 40.13 -10.21
CA ASN A 103 -8.10 40.18 -10.68
C ASN A 103 -8.19 39.72 -12.12
N GLY A 104 -9.41 39.37 -12.54
CA GLY A 104 -9.65 38.90 -13.88
C GLY A 104 -9.25 37.47 -14.14
N VAL A 105 -8.84 36.73 -13.11
CA VAL A 105 -8.41 35.35 -13.30
C VAL A 105 -9.60 34.53 -13.76
N ASN A 106 -9.39 33.74 -14.82
CA ASN A 106 -10.43 32.91 -15.40
C ASN A 106 -9.95 31.47 -15.50
N VAL A 107 -10.91 30.56 -15.63
CA VAL A 107 -10.63 29.13 -15.80
C VAL A 107 -11.59 28.56 -16.83
N PHE A 108 -11.17 27.51 -17.52
CA PHE A 108 -11.95 26.86 -18.56
C PHE A 108 -11.93 25.35 -18.34
N GLY A 109 -12.93 24.66 -18.85
CA GLY A 109 -13.08 23.23 -18.66
C GLY A 109 -13.34 22.50 -19.96
N MET A 110 -12.74 21.32 -20.10
CA MET A 110 -12.96 20.47 -21.25
C MET A 110 -14.18 19.59 -21.06
N THR A 111 -14.81 19.23 -22.18
CA THR A 111 -15.91 18.29 -22.17
C THR A 111 -15.42 16.90 -22.57
N ARG A 112 -15.58 15.93 -21.68
CA ARG A 112 -15.09 14.59 -21.94
C ARG A 112 -15.86 13.96 -23.09
N GLY A 113 -15.22 13.01 -23.77
CA GLY A 113 -15.81 12.36 -24.91
C GLY A 113 -15.30 12.92 -26.23
N THR A 114 -15.86 12.39 -27.32
CA THR A 114 -15.45 12.83 -28.64
C THR A 114 -15.75 14.31 -28.86
N ASP A 115 -16.90 14.79 -28.42
CA ASP A 115 -17.25 16.21 -28.54
C ASP A 115 -16.29 16.98 -27.65
N THR A 116 -15.38 17.72 -28.29
CA THR A 116 -14.27 18.37 -27.60
C THR A 116 -14.35 19.88 -27.81
N ARG A 117 -14.46 20.61 -26.69
CA ARG A 117 -14.31 22.06 -26.72
C ARG A 117 -14.33 22.56 -25.28
N PHE A 118 -13.71 23.72 -25.09
CA PHE A 118 -13.72 24.39 -23.78
C PHE A 118 -15.11 24.94 -23.54
N HIS A 119 -15.86 24.28 -22.65
CA HIS A 119 -17.28 24.59 -22.49
C HIS A 119 -17.52 25.92 -21.80
N HIS A 120 -16.79 26.22 -20.73
CA HIS A 120 -17.06 27.38 -19.91
C HIS A 120 -15.79 28.21 -19.72
N SER A 121 -15.98 29.44 -19.24
CA SER A 121 -14.90 30.36 -18.91
C SER A 121 -15.18 30.91 -17.52
N GLU A 122 -14.75 30.17 -16.50
CA GLU A 122 -14.91 30.62 -15.13
C GLU A 122 -14.11 31.90 -14.90
N LYS A 123 -14.48 32.64 -13.85
CA LYS A 123 -13.84 33.91 -13.53
C LYS A 123 -13.56 33.97 -12.05
N LEU A 124 -12.45 34.60 -11.68
CA LEU A 124 -12.04 34.75 -10.29
C LEU A 124 -11.35 36.09 -10.11
N ASP A 125 -11.40 36.62 -8.89
CA ASP A 125 -10.77 37.88 -8.55
C ASP A 125 -9.51 37.63 -7.71
N LYS A 126 -8.73 38.69 -7.55
CA LYS A 126 -7.51 38.60 -6.75
C LYS A 126 -7.82 38.07 -5.36
N GLY A 127 -7.03 37.10 -4.91
CA GLY A 127 -7.21 36.52 -3.61
C GLY A 127 -8.23 35.41 -3.53
N GLU A 128 -8.98 35.17 -4.61
CA GLU A 128 -9.96 34.10 -4.60
C GLU A 128 -9.27 32.75 -4.79
N VAL A 129 -9.92 31.71 -4.28
CA VAL A 129 -9.37 30.36 -4.30
C VAL A 129 -10.40 29.41 -4.87
N MET A 130 -9.94 28.40 -5.59
CA MET A 130 -10.81 27.39 -6.18
C MET A 130 -10.21 26.01 -5.97
N ILE A 131 -11.09 25.03 -5.76
CA ILE A 131 -10.72 23.64 -5.59
C ILE A 131 -11.73 22.78 -6.33
N ALA A 132 -11.26 21.73 -6.98
CA ALA A 132 -12.15 20.88 -7.77
C ALA A 132 -11.52 19.51 -7.99
N GLN A 133 -12.36 18.48 -7.96
CA GLN A 133 -11.94 17.16 -8.35
C GLN A 133 -11.96 17.02 -9.87
N PHE A 134 -11.55 15.85 -10.35
CA PHE A 134 -11.67 15.53 -11.75
C PHE A 134 -12.88 14.62 -11.98
N THR A 135 -13.76 15.08 -12.86
CA THR A 135 -15.08 14.47 -13.01
C THR A 135 -15.17 13.72 -14.33
N GLU A 136 -16.22 12.91 -14.44
CA GLU A 136 -16.47 12.21 -15.69
C GLU A 136 -16.86 13.18 -16.81
N HIS A 137 -17.26 14.40 -16.44
CA HIS A 137 -17.65 15.39 -17.43
C HIS A 137 -16.47 16.20 -17.95
N THR A 138 -15.39 16.27 -17.18
CA THR A 138 -14.23 17.11 -17.55
C THR A 138 -12.96 16.30 -17.37
N SER A 139 -12.07 16.38 -18.36
CA SER A 139 -10.80 15.68 -18.30
C SER A 139 -9.62 16.64 -18.24
N ALA A 140 -9.83 17.92 -18.54
CA ALA A 140 -8.74 18.88 -18.58
C ALA A 140 -9.30 20.26 -18.25
N VAL A 141 -8.40 21.17 -17.86
CA VAL A 141 -8.78 22.52 -17.48
C VAL A 141 -7.73 23.51 -17.97
N LYS A 142 -8.17 24.74 -18.21
CA LYS A 142 -7.33 25.81 -18.71
C LYS A 142 -7.62 27.07 -17.90
N ILE A 143 -6.57 27.82 -17.60
CA ILE A 143 -6.61 28.90 -16.62
C ILE A 143 -6.17 30.20 -17.28
N ARG A 144 -6.68 31.33 -16.78
CA ARG A 144 -6.30 32.63 -17.27
C ARG A 144 -6.30 33.66 -16.15
N GLY A 145 -5.39 34.62 -16.27
CA GLY A 145 -4.98 35.45 -15.14
C GLY A 145 -3.75 34.86 -14.48
N LYS A 146 -3.18 35.63 -13.57
CA LYS A 146 -2.03 35.19 -12.78
C LYS A 146 -2.54 34.53 -11.51
N ALA A 147 -2.01 33.33 -11.22
CA ALA A 147 -2.51 32.53 -10.12
C ALA A 147 -1.44 31.56 -9.67
N ILE A 148 -1.69 30.93 -8.53
CA ILE A 148 -0.83 29.89 -7.98
C ILE A 148 -1.58 28.58 -8.03
N ILE A 149 -0.86 27.50 -8.30
CA ILE A 149 -1.44 26.18 -8.44
C ILE A 149 -0.69 25.20 -7.55
N GLN A 150 -1.43 24.31 -6.91
CA GLN A 150 -0.86 23.26 -6.08
C GLN A 150 -1.52 21.94 -6.44
N THR A 151 -0.71 20.87 -6.43
CA THR A 151 -1.19 19.55 -6.80
C THR A 151 -0.55 18.51 -5.88
N SER A 152 -0.85 17.25 -6.16
CA SER A 152 -0.19 16.17 -5.45
C SER A 152 1.29 16.07 -5.80
N TYR A 153 1.72 16.78 -6.85
CA TYR A 153 3.09 16.75 -7.32
C TYR A 153 3.92 17.91 -6.77
N GLY A 154 3.28 19.01 -6.41
CA GLY A 154 3.98 20.19 -5.95
C GLY A 154 3.19 21.45 -6.16
N THR A 155 3.88 22.55 -6.46
CA THR A 155 3.24 23.85 -6.67
C THR A 155 3.70 24.44 -8.00
N LEU A 156 2.91 25.37 -8.51
CA LEU A 156 3.21 26.03 -9.78
C LEU A 156 2.66 27.45 -9.75
N ASP A 157 3.51 28.40 -10.13
CA ASP A 157 3.13 29.81 -10.19
C ASP A 157 3.05 30.27 -11.63
N THR A 158 2.05 31.10 -11.93
CA THR A 158 1.88 31.59 -13.29
C THR A 158 2.99 32.53 -13.71
N GLU A 159 3.71 33.10 -12.76
CA GLU A 159 4.81 34.03 -13.08
C GLU A 159 6.16 33.32 -12.95
N ASN B 8 -3.21 -12.14 11.47
CA ASN B 8 -1.87 -11.95 12.01
C ASN B 8 -1.45 -13.15 12.86
N PHE B 9 -0.27 -13.08 13.44
CA PHE B 9 0.27 -14.19 14.21
C PHE B 9 1.06 -13.68 15.40
N PHE B 10 1.44 -14.60 16.27
CA PHE B 10 2.21 -14.30 17.46
C PHE B 10 3.18 -15.44 17.73
N VAL B 11 4.16 -15.18 18.58
CA VAL B 11 5.19 -16.16 18.92
C VAL B 11 5.33 -16.21 20.43
N ILE B 12 5.54 -17.42 20.95
CA ILE B 12 5.76 -17.63 22.38
C ILE B 12 7.02 -18.46 22.56
N LYS B 13 7.69 -18.25 23.68
CA LYS B 13 8.81 -19.08 24.11
C LYS B 13 8.67 -19.40 25.58
N ALA B 14 9.03 -20.63 25.96
CA ALA B 14 8.82 -21.12 27.32
C ALA B 14 10.13 -21.06 28.09
N LYS B 15 10.06 -20.51 29.31
CA LYS B 15 11.19 -20.48 30.22
C LYS B 15 11.17 -21.60 31.25
N GLU B 16 10.16 -22.45 31.23
CA GLU B 16 10.00 -23.50 32.23
C GLU B 16 9.12 -24.60 31.66
N ASN B 17 8.85 -25.59 32.50
CA ASN B 17 7.90 -26.63 32.14
C ASN B 17 6.52 -26.30 32.68
N GLY B 18 5.50 -26.52 31.85
CA GLY B 18 4.13 -26.30 32.27
C GLY B 18 3.50 -25.00 31.80
N VAL B 19 4.22 -24.20 30.99
CA VAL B 19 3.61 -23.01 30.42
C VAL B 19 2.37 -23.43 29.66
N ASN B 20 1.24 -22.78 29.95
CA ASN B 20 -0.05 -23.23 29.50
C ASN B 20 -0.68 -22.22 28.55
N VAL B 21 -1.54 -22.71 27.67
CA VAL B 21 -2.27 -21.89 26.70
C VAL B 21 -3.74 -22.26 26.76
N PHE B 22 -4.59 -21.27 26.92
CA PHE B 22 -6.04 -21.45 26.91
C PHE B 22 -6.63 -20.70 25.72
N GLY B 23 -7.39 -21.43 24.90
CA GLY B 23 -8.09 -20.80 23.80
C GLY B 23 -9.53 -20.49 24.19
N MET B 24 -9.91 -19.23 24.01
CA MET B 24 -11.25 -18.76 24.34
C MET B 24 -12.16 -18.88 23.13
N THR B 25 -13.37 -19.40 23.36
CA THR B 25 -14.35 -19.51 22.28
C THR B 25 -14.73 -18.14 21.78
N ARG B 26 -14.76 -17.97 20.47
CA ARG B 26 -15.12 -16.68 19.87
C ARG B 26 -16.59 -16.38 20.13
N GLY B 27 -16.87 -15.18 20.60
CA GLY B 27 -18.22 -14.75 20.87
C GLY B 27 -18.38 -14.35 22.32
N THR B 28 -19.60 -13.92 22.67
CA THR B 28 -19.89 -13.54 24.04
C THR B 28 -19.72 -14.72 24.99
N ASP B 29 -20.20 -15.90 24.58
CA ASP B 29 -20.04 -17.11 25.38
C ASP B 29 -18.57 -17.49 25.37
N THR B 30 -17.90 -17.28 26.50
CA THR B 30 -16.46 -17.47 26.61
C THR B 30 -16.16 -18.61 27.57
N ARG B 31 -15.39 -19.58 27.10
CA ARG B 31 -14.84 -20.63 27.95
C ARG B 31 -13.62 -21.20 27.26
N PHE B 32 -12.83 -21.94 28.04
CA PHE B 32 -11.53 -22.44 27.59
C PHE B 32 -11.70 -23.84 27.01
N HIS B 33 -11.21 -24.03 25.78
CA HIS B 33 -11.35 -25.31 25.11
C HIS B 33 -10.07 -26.14 25.10
N HIS B 34 -8.95 -25.54 25.50
CA HIS B 34 -7.66 -26.23 25.47
C HIS B 34 -6.81 -25.78 26.65
N SER B 35 -5.92 -26.67 27.07
CA SER B 35 -4.97 -26.38 28.14
C SER B 35 -3.65 -27.00 27.76
N GLU B 36 -2.82 -26.24 27.04
CA GLU B 36 -1.55 -26.76 26.56
C GLU B 36 -0.56 -26.87 27.71
N LYS B 37 0.51 -27.65 27.48
CA LYS B 37 1.61 -27.77 28.43
C LYS B 37 2.91 -27.65 27.63
N LEU B 38 3.73 -26.66 27.99
CA LEU B 38 4.98 -26.42 27.29
C LEU B 38 6.16 -26.63 28.23
N ASP B 39 7.11 -27.45 27.78
CA ASP B 39 8.33 -27.70 28.52
C ASP B 39 9.29 -26.53 28.37
N LYS B 40 10.41 -26.60 29.09
CA LYS B 40 11.43 -25.56 29.00
C LYS B 40 12.06 -25.56 27.61
N GLY B 41 12.17 -24.38 27.02
CA GLY B 41 12.70 -24.25 25.67
C GLY B 41 11.66 -24.32 24.57
N GLU B 42 10.38 -24.47 24.91
CA GLU B 42 9.33 -24.54 23.90
C GLU B 42 9.21 -23.24 23.12
N VAL B 43 8.72 -23.37 21.89
CA VAL B 43 8.40 -22.24 21.03
C VAL B 43 7.12 -22.57 20.29
N MET B 44 6.17 -21.64 20.32
CA MET B 44 4.86 -21.87 19.73
C MET B 44 4.54 -20.77 18.74
N ILE B 45 3.89 -21.17 17.65
CA ILE B 45 3.41 -20.26 16.62
C ILE B 45 1.97 -20.63 16.31
N ALA B 46 1.11 -19.63 16.20
CA ALA B 46 -0.30 -19.89 15.99
C ALA B 46 -0.97 -18.67 15.36
N GLN B 47 -2.16 -18.89 14.84
CA GLN B 47 -2.96 -17.83 14.23
C GLN B 47 -4.17 -17.51 15.09
N PHE B 48 -4.85 -16.42 14.74
CA PHE B 48 -6.18 -16.15 15.24
C PHE B 48 -7.23 -16.63 14.24
N THR B 49 -8.09 -17.52 14.72
CA THR B 49 -9.03 -18.22 13.87
C THR B 49 -10.45 -17.86 14.24
N GLU B 50 -11.38 -18.19 13.34
CA GLU B 50 -12.80 -18.00 13.62
C GLU B 50 -13.21 -18.73 14.89
N HIS B 51 -12.56 -19.85 15.21
CA HIS B 51 -12.87 -20.58 16.44
C HIS B 51 -12.23 -19.93 17.66
N THR B 52 -11.08 -19.26 17.48
CA THR B 52 -10.34 -18.68 18.60
C THR B 52 -10.00 -17.23 18.23
N SER B 53 -10.64 -16.29 18.92
CA SER B 53 -10.34 -14.87 18.75
C SER B 53 -9.42 -14.32 19.82
N ALA B 54 -9.20 -15.07 20.90
CA ALA B 54 -8.36 -14.62 21.99
C ALA B 54 -7.62 -15.81 22.59
N VAL B 55 -6.51 -15.52 23.27
CA VAL B 55 -5.66 -16.53 23.87
C VAL B 55 -5.20 -16.05 25.24
N LYS B 56 -5.20 -16.96 26.20
CA LYS B 56 -4.72 -16.68 27.55
C LYS B 56 -3.45 -17.50 27.80
N ILE B 57 -2.37 -16.83 28.17
CA ILE B 57 -1.07 -17.45 28.36
C ILE B 57 -0.79 -17.50 29.85
N ARG B 58 -0.13 -18.58 30.28
CA ARG B 58 0.15 -18.79 31.69
C ARG B 58 1.51 -19.45 31.84
N GLY B 59 2.22 -19.08 32.91
CA GLY B 59 3.53 -19.64 33.17
C GLY B 59 4.65 -18.72 32.72
N LYS B 60 5.88 -19.15 33.02
CA LYS B 60 7.07 -18.39 32.66
C LYS B 60 7.32 -18.55 31.18
N ALA B 61 7.13 -17.47 30.42
CA ALA B 61 7.25 -17.53 28.97
C ALA B 61 7.63 -16.17 28.42
N ILE B 62 8.05 -16.17 27.16
CA ILE B 62 8.33 -14.95 26.41
C ILE B 62 7.35 -14.87 25.25
N ILE B 63 6.68 -13.74 25.14
CA ILE B 63 5.69 -13.51 24.09
C ILE B 63 6.22 -12.42 23.16
N GLN B 64 6.01 -12.61 21.87
CA GLN B 64 6.54 -11.71 20.85
C GLN B 64 5.49 -11.48 19.78
N THR B 65 5.26 -10.21 19.47
CA THR B 65 4.22 -9.83 18.52
C THR B 65 4.68 -8.61 17.72
N SER B 66 3.78 -8.12 16.86
CA SER B 66 4.09 -6.95 16.05
C SER B 66 4.32 -5.71 16.90
N TYR B 67 3.72 -5.64 18.08
CA TYR B 67 3.88 -4.49 18.96
C TYR B 67 5.16 -4.54 19.77
N GLY B 68 5.93 -5.62 19.66
CA GLY B 68 7.18 -5.74 20.37
C GLY B 68 7.34 -7.07 21.07
N THR B 69 8.31 -7.16 21.97
CA THR B 69 8.60 -8.36 22.73
C THR B 69 8.29 -8.13 24.20
N LEU B 70 7.53 -9.05 24.80
CA LEU B 70 7.11 -8.91 26.19
C LEU B 70 7.63 -10.08 27.00
N ASP B 71 7.92 -9.82 28.27
CA ASP B 71 8.37 -10.84 29.21
C ASP B 71 7.33 -10.98 30.33
N THR B 72 7.10 -12.22 30.75
CA THR B 72 6.09 -12.47 31.76
C THR B 72 6.57 -12.07 33.15
N GLU B 73 7.88 -12.05 33.38
CA GLU B 73 8.44 -11.83 34.71
C GLU B 73 8.83 -10.38 34.95
N LYS B 74 9.36 -9.69 33.94
CA LYS B 74 9.79 -8.31 34.12
C LYS B 74 8.64 -7.45 34.60
N ASP B 75 8.90 -6.63 35.61
CA ASP B 75 7.89 -5.74 36.17
C ASP B 75 7.69 -4.53 35.27
N ASN B 94 -7.68 -6.01 13.60
CA ASN B 94 -6.66 -5.63 14.57
C ASN B 94 -6.81 -6.41 15.86
N PHE B 95 -5.86 -6.22 16.78
CA PHE B 95 -5.87 -6.89 18.07
C PHE B 95 -5.10 -6.04 19.07
N PHE B 96 -5.16 -6.47 20.33
CA PHE B 96 -4.56 -5.74 21.44
C PHE B 96 -3.93 -6.71 22.43
N VAL B 97 -3.10 -6.16 23.32
CA VAL B 97 -2.29 -6.93 24.25
C VAL B 97 -2.51 -6.41 25.66
N ILE B 98 -2.55 -7.32 26.63
CA ILE B 98 -2.62 -6.96 28.04
C ILE B 98 -1.65 -7.84 28.81
N LYS B 99 -0.97 -7.25 29.78
CA LYS B 99 -0.09 -7.96 30.70
C LYS B 99 -0.45 -7.57 32.12
N ALA B 100 -0.79 -8.56 32.94
CA ALA B 100 -1.23 -8.31 34.31
C ALA B 100 -0.01 -8.00 35.17
N LYS B 101 0.07 -6.76 35.68
CA LYS B 101 1.17 -6.40 36.56
C LYS B 101 0.98 -6.94 37.97
N GLU B 102 -0.27 -7.17 38.38
CA GLU B 102 -0.56 -7.62 39.74
C GLU B 102 -1.69 -8.64 39.70
N ASN B 103 -2.03 -9.14 40.87
CA ASN B 103 -3.12 -10.10 41.00
C ASN B 103 -4.47 -9.38 41.01
N GLY B 104 -5.53 -10.15 40.75
CA GLY B 104 -6.87 -9.59 40.73
C GLY B 104 -7.22 -8.83 39.47
N VAL B 105 -6.34 -8.82 38.47
CA VAL B 105 -6.61 -8.07 37.25
C VAL B 105 -7.81 -8.68 36.54
N ASN B 106 -8.75 -7.83 36.15
CA ASN B 106 -9.98 -8.25 35.49
C ASN B 106 -10.16 -7.50 34.19
N VAL B 107 -11.00 -8.04 33.31
CA VAL B 107 -11.33 -7.43 32.04
C VAL B 107 -12.81 -7.62 31.76
N PHE B 108 -13.41 -6.70 31.01
CA PHE B 108 -14.82 -6.73 30.70
C PHE B 108 -15.00 -6.50 29.20
N GLY B 109 -16.12 -6.95 28.66
CA GLY B 109 -16.39 -6.87 27.23
C GLY B 109 -17.76 -6.31 26.94
N MET B 110 -17.85 -5.48 25.90
CA MET B 110 -19.12 -4.92 25.44
C MET B 110 -19.82 -5.87 24.49
N THR B 111 -21.15 -5.77 24.48
CA THR B 111 -21.95 -6.52 23.52
C THR B 111 -22.36 -5.62 22.37
N ARG B 112 -21.95 -5.98 21.15
CA ARG B 112 -22.23 -5.16 20.00
C ARG B 112 -23.74 -5.12 19.73
N GLY B 113 -24.17 -4.04 19.08
CA GLY B 113 -25.58 -3.84 18.79
C GLY B 113 -26.24 -2.88 19.76
N THR B 114 -27.55 -2.72 19.58
CA THR B 114 -28.31 -1.82 20.45
C THR B 114 -28.28 -2.27 21.90
N ASP B 115 -28.42 -3.57 22.15
CA ASP B 115 -28.34 -4.11 23.51
C ASP B 115 -26.92 -3.88 24.01
N THR B 116 -26.78 -2.97 24.96
CA THR B 116 -25.49 -2.49 25.42
C THR B 116 -25.33 -2.78 26.90
N ARG B 117 -24.30 -3.56 27.24
CA ARG B 117 -23.89 -3.74 28.62
C ARG B 117 -22.60 -4.55 28.65
N PHE B 118 -21.83 -4.37 29.71
CA PHE B 118 -20.61 -5.15 29.93
C PHE B 118 -21.02 -6.58 30.31
N HIS B 119 -20.85 -7.50 29.36
CA HIS B 119 -21.40 -8.85 29.52
C HIS B 119 -20.63 -9.67 30.55
N HIS B 120 -19.31 -9.63 30.52
CA HIS B 120 -18.50 -10.51 31.36
C HIS B 120 -17.48 -9.70 32.14
N SER B 121 -16.88 -10.36 33.15
CA SER B 121 -15.82 -9.78 33.96
C SER B 121 -14.70 -10.82 34.02
N GLU B 122 -13.82 -10.79 33.02
CA GLU B 122 -12.68 -11.70 33.01
C GLU B 122 -11.77 -11.39 34.18
N LYS B 123 -10.92 -12.38 34.53
CA LYS B 123 -10.02 -12.25 35.67
C LYS B 123 -8.64 -12.77 35.27
N LEU B 124 -7.61 -12.12 35.80
CA LEU B 124 -6.23 -12.49 35.52
C LEU B 124 -5.38 -12.28 36.77
N ASP B 125 -4.30 -13.03 36.88
CA ASP B 125 -3.38 -12.92 38.00
C ASP B 125 -2.09 -12.22 37.56
N LYS B 126 -1.28 -11.86 38.55
CA LYS B 126 -0.02 -11.18 38.28
C LYS B 126 0.83 -12.02 37.32
N GLY B 127 1.37 -11.37 36.30
CA GLY B 127 2.20 -12.03 35.32
C GLY B 127 1.44 -12.70 34.19
N GLU B 128 0.12 -12.77 34.27
CA GLU B 128 -0.66 -13.37 33.21
C GLU B 128 -0.78 -12.41 32.02
N VAL B 129 -0.95 -12.98 30.84
CA VAL B 129 -1.01 -12.22 29.59
C VAL B 129 -2.26 -12.62 28.84
N MET B 130 -2.85 -11.67 28.13
CA MET B 130 -4.04 -11.90 27.32
C MET B 130 -3.88 -11.21 25.97
N ILE B 131 -4.41 -11.86 24.93
CA ILE B 131 -4.42 -11.32 23.58
C ILE B 131 -5.77 -11.65 22.96
N ALA B 132 -6.31 -10.71 22.19
CA ALA B 132 -7.62 -10.89 21.59
C ALA B 132 -7.81 -9.97 20.40
N GLN B 133 -8.46 -10.48 19.36
CA GLN B 133 -8.90 -9.65 18.26
C GLN B 133 -10.17 -8.90 18.62
N PHE B 134 -10.63 -8.08 17.68
CA PHE B 134 -11.91 -7.42 17.81
C PHE B 134 -12.95 -8.15 16.98
N THR B 135 -14.03 -8.56 17.63
CA THR B 135 -15.00 -9.48 17.04
C THR B 135 -16.29 -8.75 16.74
N GLU B 136 -17.15 -9.42 15.96
CA GLU B 136 -18.47 -8.87 15.69
C GLU B 136 -19.34 -8.86 16.93
N HIS B 137 -18.96 -9.64 17.95
CA HIS B 137 -19.72 -9.69 19.19
C HIS B 137 -19.33 -8.61 20.17
N THR B 138 -18.11 -8.08 20.06
CA THR B 138 -17.60 -7.10 21.02
C THR B 138 -16.98 -5.94 20.27
N SER B 139 -17.29 -4.72 20.70
CA SER B 139 -16.74 -3.53 20.09
C SER B 139 -15.83 -2.75 21.04
N ALA B 140 -15.88 -3.04 22.33
CA ALA B 140 -15.10 -2.32 23.32
C ALA B 140 -14.78 -3.24 24.49
N VAL B 141 -13.77 -2.86 25.28
CA VAL B 141 -13.33 -3.65 26.41
C VAL B 141 -12.94 -2.73 27.55
N LYS B 142 -13.07 -3.25 28.77
CA LYS B 142 -12.76 -2.52 29.99
C LYS B 142 -11.95 -3.43 30.91
N ILE B 143 -10.97 -2.84 31.59
CA ILE B 143 -9.93 -3.58 32.29
C ILE B 143 -9.91 -3.15 33.75
N ARG B 144 -9.50 -4.07 34.62
CA ARG B 144 -9.38 -3.78 36.05
C ARG B 144 -8.22 -4.54 36.65
N GLY B 145 -7.59 -3.92 37.65
CA GLY B 145 -6.26 -4.29 38.10
C GLY B 145 -5.22 -3.46 37.39
N LYS B 146 -3.99 -3.57 37.86
CA LYS B 146 -2.85 -2.89 37.26
C LYS B 146 -2.25 -3.80 36.19
N ALA B 147 -2.03 -3.24 35.01
CA ALA B 147 -1.59 -4.04 33.86
C ALA B 147 -0.89 -3.14 32.86
N ILE B 148 -0.25 -3.78 31.89
CA ILE B 148 0.40 -3.10 30.77
C ILE B 148 -0.37 -3.43 29.51
N ILE B 149 -0.47 -2.46 28.60
CA ILE B 149 -1.21 -2.61 27.37
C ILE B 149 -0.34 -2.20 26.20
N GLN B 150 -0.42 -2.96 25.12
CA GLN B 150 0.30 -2.66 23.89
C GLN B 150 -0.66 -2.76 22.72
N THR B 151 -0.49 -1.86 21.75
CA THR B 151 -1.37 -1.80 20.59
C THR B 151 -0.53 -1.49 19.35
N SER B 152 -1.23 -1.34 18.22
CA SER B 152 -0.57 -0.90 17.00
C SER B 152 -0.10 0.54 17.11
N TYR B 153 -0.54 1.26 18.13
CA TYR B 153 -0.21 2.66 18.33
C TYR B 153 0.96 2.86 19.29
N GLY B 154 1.18 1.90 20.19
CA GLY B 154 2.22 2.03 21.19
C GLY B 154 1.93 1.19 22.42
N THR B 155 2.32 1.69 23.58
CA THR B 155 2.13 0.99 24.84
C THR B 155 1.44 1.89 25.85
N LEU B 156 0.83 1.28 26.87
CA LEU B 156 0.12 2.01 27.90
C LEU B 156 0.20 1.24 29.20
N ASP B 157 0.57 1.94 30.27
CA ASP B 157 0.67 1.35 31.59
C ASP B 157 -0.43 1.90 32.49
N THR B 158 -1.00 1.02 33.32
CA THR B 158 -2.07 1.42 34.21
C THR B 158 -1.60 2.38 35.30
N GLU B 159 -0.31 2.41 35.58
CA GLU B 159 0.24 3.30 36.60
C GLU B 159 0.88 4.53 35.97
N ASN C 8 -11.31 2.21 12.56
CA ASN C 8 -10.21 2.61 13.44
C ASN C 8 -10.63 2.51 14.89
N PHE C 9 -9.73 2.89 15.81
CA PHE C 9 -10.00 2.77 17.23
C PHE C 9 -9.37 3.93 17.97
N PHE C 10 -9.69 4.02 19.26
CA PHE C 10 -9.17 5.06 20.14
C PHE C 10 -8.96 4.48 21.52
N VAL C 11 -8.21 5.20 22.34
CA VAL C 11 -7.89 4.78 23.69
C VAL C 11 -8.15 5.92 24.65
N ILE C 12 -8.67 5.60 25.83
CA ILE C 12 -8.93 6.57 26.88
C ILE C 12 -8.30 6.08 28.17
N LYS C 13 -7.90 7.03 29.01
CA LYS C 13 -7.45 6.74 30.37
C LYS C 13 -8.07 7.73 31.33
N ALA C 14 -8.45 7.26 32.51
CA ALA C 14 -9.18 8.06 33.48
C ALA C 14 -8.23 8.58 34.56
N LYS C 15 -8.32 9.86 34.85
CA LYS C 15 -7.55 10.48 35.93
C LYS C 15 -8.36 10.64 37.21
N GLU C 16 -9.62 10.23 37.22
CA GLU C 16 -10.48 10.41 38.38
C GLU C 16 -11.62 9.41 38.32
N ASN C 17 -12.52 9.51 39.29
CA ASN C 17 -13.74 8.71 39.26
C ASN C 17 -14.88 9.50 38.62
N GLY C 18 -15.64 8.83 37.78
CA GLY C 18 -16.80 9.44 37.15
C GLY C 18 -16.59 9.92 35.73
N VAL C 19 -15.41 9.68 35.13
CA VAL C 19 -15.22 9.99 33.73
C VAL C 19 -16.30 9.28 32.93
N ASN C 20 -17.00 10.03 32.08
CA ASN C 20 -18.22 9.56 31.44
C ASN C 20 -18.03 9.47 29.93
N VAL C 21 -18.79 8.58 29.31
CA VAL C 21 -18.78 8.38 27.87
C VAL C 21 -20.22 8.38 27.37
N PHE C 22 -20.50 9.21 26.37
CA PHE C 22 -21.81 9.25 25.73
C PHE C 22 -21.67 8.81 24.28
N GLY C 23 -22.45 7.81 23.89
CA GLY C 23 -22.50 7.40 22.50
C GLY C 23 -23.66 8.06 21.77
N MET C 24 -23.34 8.70 20.66
CA MET C 24 -24.33 9.41 19.84
C MET C 24 -24.87 8.48 18.78
N THR C 25 -26.19 8.48 18.60
CA THR C 25 -26.82 7.67 17.57
C THR C 25 -26.36 8.14 16.19
N ARG C 26 -26.01 7.20 15.34
CA ARG C 26 -25.55 7.53 13.99
C ARG C 26 -26.71 8.09 13.18
N GLY C 27 -26.47 9.21 12.52
CA GLY C 27 -27.48 9.84 11.69
C GLY C 27 -27.77 11.24 12.16
N THR C 28 -28.68 11.91 11.43
CA THR C 28 -29.06 13.27 11.81
C THR C 28 -29.71 13.29 13.18
N ASP C 29 -30.59 12.33 13.47
CA ASP C 29 -31.22 12.21 14.78
C ASP C 29 -30.16 11.81 15.79
N THR C 30 -29.76 12.76 16.63
CA THR C 30 -28.65 12.57 17.57
C THR C 30 -29.18 12.62 18.99
N ARG C 31 -28.86 11.58 19.76
CA ARG C 31 -29.11 11.57 21.20
C ARG C 31 -28.19 10.54 21.83
N PHE C 32 -28.05 10.61 23.14
CA PHE C 32 -27.09 9.81 23.89
C PHE C 32 -27.77 8.54 24.38
N HIS C 33 -27.16 7.39 24.08
CA HIS C 33 -27.72 6.10 24.45
C HIS C 33 -27.03 5.48 25.64
N HIS C 34 -25.90 6.02 26.07
CA HIS C 34 -25.13 5.44 27.16
C HIS C 34 -24.47 6.54 27.98
N SER C 35 -24.25 6.24 29.25
CA SER C 35 -23.55 7.16 30.15
C SER C 35 -22.64 6.33 31.03
N GLU C 36 -21.40 6.12 30.58
CA GLU C 36 -20.46 5.29 31.30
C GLU C 36 -19.96 6.02 32.54
N LYS C 37 -19.38 5.25 33.45
CA LYS C 37 -18.72 5.80 34.64
C LYS C 37 -17.38 5.09 34.79
N LEU C 38 -16.30 5.86 34.78
CA LEU C 38 -14.95 5.32 34.88
C LEU C 38 -14.27 5.80 36.17
N ASP C 39 -13.76 4.84 36.93
CA ASP C 39 -13.02 5.16 38.14
C ASP C 39 -11.61 5.62 37.80
N LYS C 40 -10.87 6.02 38.83
CA LYS C 40 -9.49 6.45 38.65
C LYS C 40 -8.63 5.28 38.20
N GLY C 41 -7.83 5.50 37.16
CA GLY C 41 -7.00 4.45 36.59
C GLY C 41 -7.66 3.65 35.50
N GLU C 42 -8.89 3.98 35.11
CA GLU C 42 -9.57 3.25 34.05
C GLU C 42 -8.87 3.43 32.71
N VAL C 43 -9.04 2.43 31.85
CA VAL C 43 -8.58 2.46 30.47
C VAL C 43 -9.64 1.81 29.61
N MET C 44 -10.01 2.49 28.53
CA MET C 44 -11.09 2.05 27.66
C MET C 44 -10.60 1.95 26.23
N ILE C 45 -11.08 0.91 25.54
CA ILE C 45 -10.81 0.70 24.13
C ILE C 45 -12.12 0.40 23.45
N ALA C 46 -12.36 1.00 22.29
CA ALA C 46 -13.63 0.84 21.60
C ALA C 46 -13.46 1.15 20.12
N GLN C 47 -14.45 0.74 19.34
CA GLN C 47 -14.47 0.98 17.90
C GLN C 47 -15.55 1.99 17.55
N PHE C 48 -15.51 2.43 16.30
CA PHE C 48 -16.63 3.16 15.70
C PHE C 48 -17.51 2.19 14.91
N THR C 49 -18.78 2.14 15.30
CA THR C 49 -19.71 1.14 14.80
C THR C 49 -20.83 1.82 14.03
N GLU C 50 -21.55 1.02 13.26
CA GLU C 50 -22.73 1.52 12.55
C GLU C 50 -23.73 2.14 13.52
N HIS C 51 -23.79 1.65 14.75
CA HIS C 51 -24.68 2.23 15.75
C HIS C 51 -24.13 3.51 16.36
N THR C 52 -22.80 3.64 16.42
CA THR C 52 -22.15 4.79 17.05
C THR C 52 -21.09 5.32 16.10
N SER C 53 -21.34 6.51 15.54
CA SER C 53 -20.38 7.17 14.68
C SER C 53 -19.59 8.25 15.41
N ALA C 54 -20.01 8.63 16.61
CA ALA C 54 -19.35 9.68 17.36
C ALA C 54 -19.42 9.36 18.84
N VAL C 55 -18.51 9.94 19.62
CA VAL C 55 -18.42 9.73 21.05
C VAL C 55 -18.13 11.04 21.74
N LYS C 56 -18.78 11.26 22.87
CA LYS C 56 -18.56 12.44 23.70
C LYS C 56 -17.95 12.01 25.03
N ILE C 57 -16.79 12.58 25.36
CA ILE C 57 -16.04 12.21 26.55
C ILE C 57 -16.18 13.33 27.57
N ARG C 58 -16.25 12.95 28.84
CA ARG C 58 -16.45 13.93 29.92
C ARG C 58 -15.64 13.48 31.13
N GLY C 59 -15.12 14.47 31.86
CA GLY C 59 -14.34 14.20 33.05
C GLY C 59 -12.84 14.26 32.79
N LYS C 60 -12.08 14.11 33.87
CA LYS C 60 -10.62 14.14 33.81
C LYS C 60 -10.13 12.83 33.20
N ALA C 61 -9.60 12.90 31.99
CA ALA C 61 -9.18 11.70 31.28
C ALA C 61 -8.09 12.03 30.30
N ILE C 62 -7.43 10.98 29.80
CA ILE C 62 -6.43 11.09 28.75
C ILE C 62 -6.94 10.33 27.54
N ILE C 63 -6.95 10.99 26.39
CA ILE C 63 -7.43 10.41 25.14
C ILE C 63 -6.24 10.26 24.20
N GLN C 64 -6.20 9.15 23.48
CA GLN C 64 -5.09 8.80 22.62
C GLN C 64 -5.61 8.21 21.32
N THR C 65 -5.12 8.74 20.20
CA THR C 65 -5.60 8.34 18.88
C THR C 65 -4.43 8.38 17.89
N SER C 66 -4.75 8.10 16.64
CA SER C 66 -3.74 8.11 15.58
C SER C 66 -3.16 9.50 15.38
N TYR C 67 -3.91 10.55 15.68
CA TYR C 67 -3.43 11.92 15.51
C TYR C 67 -2.56 12.38 16.67
N GLY C 68 -2.41 11.56 17.70
CA GLY C 68 -1.57 11.91 18.83
C GLY C 68 -2.24 11.66 20.17
N THR C 69 -1.67 12.22 21.23
CA THR C 69 -2.19 12.06 22.58
C THR C 69 -2.69 13.41 23.09
N LEU C 70 -3.90 13.42 23.62
CA LEU C 70 -4.52 14.65 24.09
C LEU C 70 -4.84 14.54 25.58
N ASP C 71 -4.77 15.67 26.26
CA ASP C 71 -5.10 15.76 27.67
C ASP C 71 -6.30 16.68 27.86
N THR C 72 -7.19 16.29 28.77
CA THR C 72 -8.42 17.07 28.97
C THR C 72 -8.15 18.36 29.74
N GLU C 73 -7.09 18.40 30.54
CA GLU C 73 -6.81 19.52 31.43
C GLU C 73 -5.85 20.54 30.84
N LYS C 74 -4.83 20.09 30.10
CA LYS C 74 -3.85 21.00 29.54
C LYS C 74 -4.52 22.03 28.65
N ASP C 75 -4.16 23.29 28.82
CA ASP C 75 -4.72 24.38 28.04
C ASP C 75 -4.09 24.42 26.65
N ASN C 94 -12.68 8.08 7.47
CA ASN C 94 -11.85 8.95 8.30
C ASN C 94 -12.66 9.53 9.45
N PHE C 95 -11.98 10.27 10.33
CA PHE C 95 -12.62 10.90 11.48
C PHE C 95 -11.80 12.11 11.90
N PHE C 96 -12.34 12.86 12.86
CA PHE C 96 -11.76 14.11 13.31
C PHE C 96 -11.92 14.24 14.82
N VAL C 97 -11.16 15.18 15.39
CA VAL C 97 -11.08 15.36 16.83
C VAL C 97 -11.35 16.82 17.16
N ILE C 98 -12.04 17.06 18.28
CA ILE C 98 -12.27 18.39 18.80
C ILE C 98 -12.06 18.37 20.30
N LYS C 99 -11.42 19.42 20.83
CA LYS C 99 -11.23 19.62 22.26
C LYS C 99 -11.69 21.03 22.60
N ALA C 100 -12.64 21.13 23.53
CA ALA C 100 -13.22 22.41 23.90
C ALA C 100 -12.25 23.15 24.82
N LYS C 101 -11.71 24.28 24.36
CA LYS C 101 -10.81 25.07 25.17
C LYS C 101 -11.57 25.88 26.22
N GLU C 102 -12.83 26.22 25.94
CA GLU C 102 -13.61 27.05 26.83
C GLU C 102 -15.05 26.55 26.89
N ASN C 103 -15.86 27.22 27.69
CA ASN C 103 -17.26 26.86 27.80
C ASN C 103 -18.07 27.47 26.65
N GLY C 104 -19.26 26.92 26.44
CA GLY C 104 -20.12 27.39 25.37
C GLY C 104 -19.75 26.89 24.01
N VAL C 105 -18.77 25.99 23.90
CA VAL C 105 -18.36 25.49 22.59
C VAL C 105 -19.50 24.72 21.96
N ASN C 106 -19.79 25.02 20.70
CA ASN C 106 -20.87 24.39 19.97
C ASN C 106 -20.36 23.82 18.66
N VAL C 107 -21.12 22.90 18.09
CA VAL C 107 -20.80 22.29 16.80
C VAL C 107 -22.10 22.12 16.00
N PHE C 108 -21.97 22.14 14.68
CA PHE C 108 -23.11 22.04 13.78
C PHE C 108 -22.79 21.02 12.71
N GLY C 109 -23.83 20.44 12.11
CA GLY C 109 -23.67 19.38 11.11
C GLY C 109 -24.51 19.65 9.88
N MET C 110 -23.93 19.32 8.71
CA MET C 110 -24.63 19.45 7.44
C MET C 110 -25.46 18.20 7.14
N THR C 111 -26.53 18.39 6.39
CA THR C 111 -27.34 17.29 5.92
C THR C 111 -26.97 16.95 4.48
N ARG C 112 -26.52 15.72 4.25
CA ARG C 112 -26.09 15.32 2.92
C ARG C 112 -27.28 15.31 1.96
N GLY C 113 -26.98 15.49 0.68
CA GLY C 113 -28.01 15.54 -0.34
C GLY C 113 -28.33 16.96 -0.76
N THR C 114 -29.33 17.06 -1.65
CA THR C 114 -29.74 18.36 -2.14
C THR C 114 -30.27 19.25 -1.02
N ASP C 115 -31.07 18.69 -0.11
CA ASP C 115 -31.60 19.44 1.02
C ASP C 115 -30.40 19.81 1.91
N THR C 116 -30.07 21.10 1.91
CA THR C 116 -28.85 21.60 2.55
C THR C 116 -29.21 22.58 3.65
N ARG C 117 -28.80 22.26 4.88
CA ARG C 117 -28.86 23.21 5.98
C ARG C 117 -28.16 22.60 7.18
N PHE C 118 -27.67 23.46 8.06
CA PHE C 118 -27.07 23.03 9.32
C PHE C 118 -28.18 22.53 10.23
N HIS C 119 -28.26 21.21 10.39
CA HIS C 119 -29.40 20.59 11.07
C HIS C 119 -29.40 20.83 12.57
N HIS C 120 -28.25 20.67 13.22
CA HIS C 120 -28.18 20.72 14.67
C HIS C 120 -27.11 21.72 15.12
N SER C 121 -27.17 22.06 16.42
CA SER C 121 -26.19 22.92 17.06
C SER C 121 -25.75 22.23 18.35
N GLU C 122 -24.75 21.34 18.22
CA GLU C 122 -24.22 20.67 19.40
C GLU C 122 -23.58 21.67 20.34
N LYS C 123 -23.42 21.28 21.60
CA LYS C 123 -22.86 22.14 22.63
C LYS C 123 -21.85 21.37 23.45
N LEU C 124 -20.79 22.05 23.88
CA LEU C 124 -19.73 21.45 24.68
C LEU C 124 -19.22 22.47 25.67
N ASP C 125 -18.68 21.99 26.78
CA ASP C 125 -18.12 22.84 27.82
C ASP C 125 -16.59 22.77 27.79
N LYS C 126 -15.96 23.66 28.54
CA LYS C 126 -14.50 23.71 28.62
C LYS C 126 -13.96 22.36 29.05
N GLY C 127 -12.95 21.88 28.34
CA GLY C 127 -12.33 20.60 28.65
C GLY C 127 -13.02 19.40 28.06
N GLU C 128 -14.20 19.57 27.45
CA GLU C 128 -14.90 18.45 26.84
C GLU C 128 -14.26 18.10 25.51
N VAL C 129 -14.39 16.84 25.12
CA VAL C 129 -13.79 16.31 23.90
C VAL C 129 -14.86 15.60 23.09
N MET C 130 -14.73 15.68 21.77
CA MET C 130 -15.65 15.03 20.85
C MET C 130 -14.88 14.36 19.72
N ILE C 131 -15.38 13.21 19.29
CA ILE C 131 -14.81 12.46 18.18
C ILE C 131 -15.96 11.92 17.34
N ALA C 132 -15.79 11.93 16.02
CA ALA C 132 -16.85 11.50 15.12
C ALA C 132 -16.27 11.13 13.76
N GLN C 133 -16.85 10.08 13.17
CA GLN C 133 -16.54 9.74 11.79
C GLN C 133 -17.35 10.62 10.85
N PHE C 134 -17.11 10.42 9.56
CA PHE C 134 -17.92 11.07 8.54
C PHE C 134 -18.96 10.08 7.99
N THR C 135 -20.22 10.48 8.07
CA THR C 135 -21.33 9.57 7.82
C THR C 135 -22.01 9.92 6.51
N GLU C 136 -22.86 9.01 6.06
CA GLU C 136 -23.67 9.26 4.86
C GLU C 136 -24.69 10.35 5.11
N HIS C 137 -24.97 10.66 6.38
CA HIS C 137 -25.94 11.69 6.70
C HIS C 137 -25.32 13.08 6.76
N THR C 138 -24.01 13.16 7.00
CA THR C 138 -23.34 14.45 7.17
C THR C 138 -22.08 14.47 6.32
N SER C 139 -21.86 15.58 5.61
CA SER C 139 -20.68 15.75 4.79
C SER C 139 -19.77 16.86 5.30
N ALA C 140 -20.26 17.72 6.18
CA ALA C 140 -19.49 18.84 6.66
C ALA C 140 -19.93 19.18 8.07
N VAL C 141 -19.08 19.93 8.79
CA VAL C 141 -19.36 20.30 10.17
C VAL C 141 -18.86 21.72 10.43
N LYS C 142 -19.51 22.39 11.38
CA LYS C 142 -19.18 23.76 11.75
C LYS C 142 -19.15 23.86 13.27
N ILE C 143 -18.20 24.63 13.77
CA ILE C 143 -17.84 24.62 15.19
C ILE C 143 -17.96 26.03 15.75
N ARG C 144 -18.26 26.15 17.04
CA ARG C 144 -18.36 27.42 17.70
C ARG C 144 -17.89 27.32 19.14
N GLY C 145 -17.31 28.42 19.62
CA GLY C 145 -16.46 28.39 20.81
C GLY C 145 -15.01 28.21 20.42
N LYS C 146 -14.14 28.38 21.40
CA LYS C 146 -12.70 28.17 21.22
C LYS C 146 -12.38 26.71 21.52
N ALA C 147 -11.65 26.08 20.61
CA ALA C 147 -11.38 24.65 20.71
C ALA C 147 -10.12 24.30 19.94
N ILE C 148 -9.65 23.08 20.13
CA ILE C 148 -8.52 22.53 19.41
C ILE C 148 -9.02 21.41 18.52
N ILE C 149 -8.44 21.29 17.33
CA ILE C 149 -8.84 20.30 16.35
C ILE C 149 -7.62 19.51 15.89
N GLN C 150 -7.80 18.21 15.72
CA GLN C 150 -6.76 17.33 15.22
C GLN C 150 -7.34 16.45 14.13
N THR C 151 -6.54 16.19 13.10
CA THR C 151 -6.97 15.42 11.96
C THR C 151 -5.83 14.53 11.50
N SER C 152 -6.08 13.80 10.41
CA SER C 152 -5.02 13.02 9.79
C SER C 152 -3.96 13.91 9.16
N TYR C 153 -4.23 15.20 9.04
CA TYR C 153 -3.33 16.16 8.42
C TYR C 153 -2.48 16.91 9.44
N GLY C 154 -2.96 17.01 10.68
CA GLY C 154 -2.25 17.77 11.69
C GLY C 154 -3.19 18.27 12.77
N THR C 155 -2.91 19.46 13.30
CA THR C 155 -3.70 20.06 14.37
C THR C 155 -4.08 21.48 13.98
N LEU C 156 -5.12 21.99 14.63
CA LEU C 156 -5.62 23.33 14.36
C LEU C 156 -6.24 23.90 15.63
N ASP C 157 -5.85 25.11 15.98
CA ASP C 157 -6.36 25.80 17.15
C ASP C 157 -7.24 26.97 16.72
N THR C 158 -8.34 27.17 17.45
CA THR C 158 -9.27 28.24 17.13
C THR C 158 -8.66 29.61 17.37
N GLU C 159 -7.62 29.71 18.19
CA GLU C 159 -6.98 30.99 18.47
C GLU C 159 -5.71 31.15 17.65
N ASN D 8 4.76 -16.14 -2.46
CA ASN D 8 6.16 -15.73 -2.32
C ASN D 8 7.09 -16.79 -2.90
N PHE D 9 8.40 -16.55 -2.79
CA PHE D 9 9.38 -17.45 -3.38
C PHE D 9 10.60 -17.53 -2.49
N PHE D 10 11.49 -18.46 -2.83
CA PHE D 10 12.74 -18.67 -2.11
C PHE D 10 13.82 -19.04 -3.09
N VAL D 11 15.07 -18.97 -2.63
CA VAL D 11 16.23 -19.26 -3.46
C VAL D 11 17.15 -20.19 -2.69
N ILE D 12 17.74 -21.16 -3.40
CA ILE D 12 18.69 -22.09 -2.82
C ILE D 12 19.96 -22.09 -3.68
N LYS D 13 21.09 -22.36 -3.05
CA LYS D 13 22.36 -22.59 -3.73
C LYS D 13 23.04 -23.80 -3.12
N ALA D 14 23.68 -24.60 -3.97
CA ALA D 14 24.28 -25.86 -3.55
C ALA D 14 25.79 -25.69 -3.38
N LYS D 15 26.30 -26.18 -2.25
CA LYS D 15 27.73 -26.19 -1.98
C LYS D 15 28.38 -27.53 -2.28
N GLU D 16 27.61 -28.53 -2.73
CA GLU D 16 28.14 -29.85 -2.97
C GLU D 16 27.23 -30.57 -3.95
N ASN D 17 27.56 -31.85 -4.21
CA ASN D 17 26.69 -32.69 -5.01
C ASN D 17 25.77 -33.51 -4.12
N GLY D 18 24.51 -33.60 -4.51
CA GLY D 18 23.54 -34.39 -3.78
C GLY D 18 22.61 -33.61 -2.86
N VAL D 19 22.70 -32.28 -2.85
CA VAL D 19 21.74 -31.49 -2.09
C VAL D 19 20.35 -31.86 -2.55
N ASN D 20 19.47 -32.19 -1.60
CA ASN D 20 18.19 -32.81 -1.90
C ASN D 20 17.05 -31.89 -1.48
N VAL D 21 15.92 -32.04 -2.17
CA VAL D 21 14.70 -31.28 -1.89
C VAL D 21 13.54 -32.25 -1.80
N PHE D 22 12.78 -32.17 -0.71
CA PHE D 22 11.58 -32.97 -0.52
C PHE D 22 10.37 -32.05 -0.46
N GLY D 23 9.39 -32.31 -1.32
CA GLY D 23 8.13 -31.57 -1.27
C GLY D 23 7.09 -32.34 -0.46
N MET D 24 6.52 -31.66 0.52
CA MET D 24 5.52 -32.23 1.40
C MET D 24 4.13 -31.97 0.84
N THR D 25 3.29 -33.01 0.83
CA THR D 25 1.92 -32.86 0.38
C THR D 25 1.16 -31.91 1.29
N ARG D 26 0.43 -30.98 0.68
CA ARG D 26 -0.33 -29.99 1.45
C ARG D 26 -1.48 -30.69 2.19
N GLY D 27 -1.60 -30.41 3.47
CA GLY D 27 -2.65 -30.98 4.29
C GLY D 27 -2.07 -31.75 5.45
N THR D 28 -2.98 -32.30 6.27
CA THR D 28 -2.54 -33.10 7.42
C THR D 28 -1.78 -34.33 6.97
N ASP D 29 -2.24 -34.99 5.92
CA ASP D 29 -1.55 -36.16 5.37
C ASP D 29 -0.27 -35.67 4.71
N THR D 30 0.87 -35.95 5.35
CA THR D 30 2.16 -35.43 4.93
C THR D 30 3.05 -36.58 4.49
N ARG D 31 3.58 -36.48 3.27
CA ARG D 31 4.60 -37.39 2.79
C ARG D 31 5.34 -36.71 1.66
N PHE D 32 6.51 -37.26 1.32
CA PHE D 32 7.42 -36.64 0.36
C PHE D 32 7.15 -37.19 -1.04
N HIS D 33 6.93 -36.29 -1.99
CA HIS D 33 6.61 -36.68 -3.36
C HIS D 33 7.79 -36.55 -4.31
N HIS D 34 8.88 -35.92 -3.88
CA HIS D 34 10.03 -35.68 -4.75
C HIS D 34 11.31 -35.76 -3.93
N SER D 35 12.38 -36.14 -4.61
CA SER D 35 13.71 -36.19 -4.00
C SER D 35 14.70 -35.67 -5.03
N GLU D 36 14.93 -34.36 -5.02
CA GLU D 36 15.82 -33.75 -6.00
C GLU D 36 17.27 -34.08 -5.68
N LYS D 37 18.14 -33.87 -6.68
CA LYS D 37 19.58 -34.01 -6.51
C LYS D 37 20.24 -32.80 -7.17
N LEU D 38 21.00 -32.06 -6.38
CA LEU D 38 21.66 -30.86 -6.86
C LEU D 38 23.17 -31.01 -6.79
N ASP D 39 23.83 -30.76 -7.92
CA ASP D 39 25.29 -30.79 -7.98
C ASP D 39 25.88 -29.53 -7.36
N LYS D 40 27.20 -29.49 -7.29
CA LYS D 40 27.89 -28.32 -6.75
C LYS D 40 27.70 -27.14 -7.68
N GLY D 41 27.34 -26.00 -7.10
CA GLY D 41 27.06 -24.80 -7.87
C GLY D 41 25.62 -24.64 -8.30
N GLU D 42 24.73 -25.56 -7.93
CA GLU D 42 23.33 -25.46 -8.31
C GLU D 42 22.67 -24.25 -7.68
N VAL D 43 21.63 -23.77 -8.35
CA VAL D 43 20.78 -22.71 -7.86
C VAL D 43 19.34 -23.04 -8.25
N MET D 44 18.44 -22.97 -7.27
CA MET D 44 17.05 -23.36 -7.46
C MET D 44 16.13 -22.21 -7.08
N ILE D 45 15.07 -22.07 -7.85
CA ILE D 45 14.01 -21.10 -7.59
C ILE D 45 12.68 -21.81 -7.72
N ALA D 46 11.77 -21.57 -6.78
CA ALA D 46 10.50 -22.26 -6.77
C ALA D 46 9.47 -21.46 -5.99
N GLN D 47 8.21 -21.82 -6.17
CA GLN D 47 7.09 -21.19 -5.49
C GLN D 47 6.49 -22.13 -4.46
N PHE D 48 5.61 -21.58 -3.64
CA PHE D 48 4.71 -22.38 -2.82
C PHE D 48 3.36 -22.54 -3.52
N THR D 49 2.99 -23.79 -3.75
CA THR D 49 1.84 -24.12 -4.58
C THR D 49 0.79 -24.83 -3.74
N GLU D 50 -0.42 -24.91 -4.29
CA GLU D 50 -1.49 -25.65 -3.64
C GLU D 50 -1.09 -27.11 -3.41
N HIS D 51 -0.25 -27.66 -4.28
CA HIS D 51 0.23 -29.03 -4.09
C HIS D 51 1.33 -29.11 -3.04
N THR D 52 2.12 -28.05 -2.89
CA THR D 52 3.27 -28.06 -1.97
C THR D 52 3.19 -26.80 -1.11
N SER D 53 2.90 -26.99 0.18
CA SER D 53 2.89 -25.89 1.14
C SER D 53 4.17 -25.81 1.96
N ALA D 54 5.01 -26.83 1.91
CA ALA D 54 6.23 -26.86 2.68
C ALA D 54 7.31 -27.59 1.90
N VAL D 55 8.56 -27.31 2.25
CA VAL D 55 9.71 -27.91 1.59
C VAL D 55 10.76 -28.27 2.63
N LYS D 56 11.39 -29.43 2.45
CA LYS D 56 12.46 -29.90 3.30
C LYS D 56 13.75 -29.93 2.49
N ILE D 57 14.77 -29.24 2.98
CA ILE D 57 16.05 -29.11 2.29
C ILE D 57 17.08 -29.97 3.00
N ARG D 58 17.99 -30.57 2.24
CA ARG D 58 18.99 -31.47 2.80
C ARG D 58 20.29 -31.29 2.03
N GLY D 59 21.41 -31.41 2.75
CA GLY D 59 22.71 -31.28 2.15
C GLY D 59 23.31 -29.90 2.35
N LYS D 60 24.56 -29.77 1.90
CA LYS D 60 25.29 -28.50 2.02
C LYS D 60 24.74 -27.52 1.00
N ALA D 61 24.06 -26.48 1.48
CA ALA D 61 23.41 -25.54 0.58
C ALA D 61 23.28 -24.19 1.28
N ILE D 62 22.97 -23.18 0.48
CA ILE D 62 22.67 -21.83 0.95
C ILE D 62 21.23 -21.51 0.60
N ILE D 63 20.45 -21.10 1.60
CA ILE D 63 19.05 -20.75 1.42
C ILE D 63 18.88 -19.26 1.64
N GLN D 64 18.04 -18.65 0.82
CA GLN D 64 17.85 -17.21 0.83
C GLN D 64 16.37 -16.88 0.66
N THR D 65 15.87 -16.04 1.55
CA THR D 65 14.45 -15.70 1.57
C THR D 65 14.28 -14.25 1.98
N SER D 66 13.02 -13.84 2.10
CA SER D 66 12.71 -12.46 2.49
C SER D 66 13.19 -12.16 3.90
N TYR D 67 13.31 -13.16 4.76
CA TYR D 67 13.76 -12.96 6.13
C TYR D 67 15.27 -12.89 6.24
N GLY D 68 15.99 -13.10 5.14
CA GLY D 68 17.43 -13.02 5.14
C GLY D 68 18.09 -14.20 4.45
N THR D 69 19.39 -14.35 4.65
CA THR D 69 20.18 -15.42 4.05
C THR D 69 20.66 -16.37 5.14
N LEU D 70 20.44 -17.66 4.92
CA LEU D 70 20.80 -18.68 5.91
C LEU D 70 21.80 -19.65 5.31
N ASP D 71 22.68 -20.16 6.17
CA ASP D 71 23.67 -21.16 5.78
C ASP D 71 23.41 -22.45 6.53
N THR D 72 23.57 -23.58 5.84
CA THR D 72 23.29 -24.87 6.45
C THR D 72 24.36 -25.29 7.44
N GLU D 73 25.59 -24.79 7.26
CA GLU D 73 26.74 -25.24 8.05
C GLU D 73 27.02 -24.34 9.25
N LYS D 74 26.86 -23.03 9.10
CA LYS D 74 27.15 -22.11 10.19
C LYS D 74 26.32 -22.46 11.42
N ASP D 75 26.99 -22.49 12.58
CA ASP D 75 26.31 -22.81 13.83
C ASP D 75 25.53 -21.61 14.35
N ASN D 94 1.38 -16.02 4.65
CA ASN D 94 2.71 -15.91 5.26
C ASN D 94 3.35 -17.29 5.41
N PHE D 95 4.61 -17.30 5.84
CA PHE D 95 5.35 -18.53 6.03
C PHE D 95 6.43 -18.30 7.09
N PHE D 96 7.09 -19.39 7.46
CA PHE D 96 8.09 -19.38 8.53
C PHE D 96 9.26 -20.28 8.16
N VAL D 97 10.36 -20.12 8.90
CA VAL D 97 11.62 -20.79 8.61
C VAL D 97 12.10 -21.49 9.88
N ILE D 98 12.69 -22.66 9.71
CA ILE D 98 13.33 -23.40 10.80
C ILE D 98 14.66 -23.96 10.29
N LYS D 99 15.67 -23.90 11.16
CA LYS D 99 16.99 -24.47 10.89
C LYS D 99 17.37 -25.33 12.09
N ALA D 100 17.63 -26.61 11.84
CA ALA D 100 17.96 -27.54 12.92
C ALA D 100 19.40 -27.33 13.35
N LYS D 101 19.58 -26.88 14.60
CA LYS D 101 20.93 -26.70 15.12
C LYS D 101 21.57 -28.02 15.52
N GLU D 102 20.76 -29.02 15.87
CA GLU D 102 21.28 -30.30 16.34
C GLU D 102 20.43 -31.42 15.78
N ASN D 103 20.81 -32.65 16.11
CA ASN D 103 20.07 -33.82 15.68
C ASN D 103 18.86 -34.05 16.58
N GLY D 104 17.92 -34.85 16.08
CA GLY D 104 16.71 -35.14 16.83
C GLY D 104 15.67 -34.06 16.81
N VAL D 105 15.88 -32.98 16.04
CA VAL D 105 14.93 -31.89 16.01
C VAL D 105 13.62 -32.39 15.43
N ASN D 106 12.51 -32.08 16.11
CA ASN D 106 11.19 -32.50 15.68
C ASN D 106 10.26 -31.30 15.60
N VAL D 107 9.16 -31.47 14.87
CA VAL D 107 8.13 -30.45 14.73
C VAL D 107 6.77 -31.11 14.77
N PHE D 108 5.77 -30.35 15.21
CA PHE D 108 4.41 -30.86 15.35
C PHE D 108 3.45 -29.84 14.75
N GLY D 109 2.27 -30.31 14.34
CA GLY D 109 1.28 -29.47 13.68
C GLY D 109 -0.09 -29.61 14.28
N MET D 110 -0.81 -28.49 14.37
CA MET D 110 -2.18 -28.48 14.87
C MET D 110 -3.17 -28.78 13.74
N THR D 111 -4.30 -29.35 14.13
CA THR D 111 -5.39 -29.57 13.19
C THR D 111 -6.45 -28.48 13.35
N ARG D 112 -6.70 -27.74 12.29
CA ARG D 112 -7.64 -26.63 12.35
C ARG D 112 -9.05 -27.16 12.59
N GLY D 113 -9.88 -26.31 13.19
CA GLY D 113 -11.25 -26.69 13.52
C GLY D 113 -11.41 -27.06 14.98
N THR D 114 -12.63 -27.48 15.31
CA THR D 114 -12.92 -27.86 16.69
C THR D 114 -12.08 -29.05 17.14
N ASP D 115 -11.91 -30.05 16.29
CA ASP D 115 -11.07 -31.21 16.60
C ASP D 115 -9.64 -30.71 16.73
N THR D 116 -9.13 -30.70 17.96
CA THR D 116 -7.86 -30.09 18.28
C THR D 116 -6.90 -31.14 18.84
N ARG D 117 -5.77 -31.32 18.17
CA ARG D 117 -4.68 -32.12 18.71
C ARG D 117 -3.48 -31.99 17.77
N PHE D 118 -2.29 -32.20 18.33
CA PHE D 118 -1.06 -32.22 17.55
C PHE D 118 -1.04 -33.50 16.72
N HIS D 119 -1.29 -33.37 15.42
CA HIS D 119 -1.50 -34.53 14.57
C HIS D 119 -0.23 -35.32 14.30
N HIS D 120 0.88 -34.64 14.01
CA HIS D 120 2.10 -35.31 13.59
C HIS D 120 3.28 -34.84 14.44
N SER D 121 4.38 -35.59 14.34
CA SER D 121 5.64 -35.25 15.00
C SER D 121 6.75 -35.36 13.94
N GLU D 122 6.95 -34.29 13.20
CA GLU D 122 8.02 -34.28 12.20
C GLU D 122 9.37 -34.41 12.88
N LYS D 123 10.38 -34.80 12.10
CA LYS D 123 11.72 -35.02 12.62
C LYS D 123 12.73 -34.41 11.66
N LEU D 124 13.81 -33.87 12.22
CA LEU D 124 14.87 -33.24 11.45
C LEU D 124 16.21 -33.50 12.13
N ASP D 125 17.28 -33.50 11.33
CA ASP D 125 18.63 -33.71 11.83
C ASP D 125 19.40 -32.39 11.84
N LYS D 126 20.55 -32.41 12.48
CA LYS D 126 21.40 -31.22 12.56
C LYS D 126 21.71 -30.71 11.16
N GLY D 127 21.55 -29.40 10.99
CA GLY D 127 21.82 -28.76 9.72
C GLY D 127 20.67 -28.81 8.73
N GLU D 128 19.60 -29.54 9.04
CA GLU D 128 18.45 -29.59 8.14
C GLU D 128 17.63 -28.32 8.27
N VAL D 129 16.92 -27.98 7.19
CA VAL D 129 16.13 -26.76 7.11
C VAL D 129 14.72 -27.11 6.66
N MET D 130 13.74 -26.37 7.16
CA MET D 130 12.35 -26.56 6.80
C MET D 130 11.69 -25.22 6.56
N ILE D 131 10.77 -25.19 5.60
CA ILE D 131 9.99 -24.01 5.26
C ILE D 131 8.57 -24.45 4.98
N ALA D 132 7.60 -23.66 5.41
CA ALA D 132 6.20 -24.02 5.25
C ALA D 132 5.31 -22.80 5.34
N GLN D 133 4.28 -22.76 4.52
CA GLN D 133 3.23 -21.76 4.66
C GLN D 133 2.25 -22.16 5.77
N PHE D 134 1.28 -21.28 6.00
CA PHE D 134 0.18 -21.60 6.90
C PHE D 134 -1.04 -22.00 6.10
N THR D 135 -1.56 -23.20 6.39
CA THR D 135 -2.57 -23.82 5.56
C THR D 135 -3.91 -23.82 6.28
N GLU D 136 -4.96 -24.13 5.52
CA GLU D 136 -6.29 -24.27 6.10
C GLU D 136 -6.36 -25.48 7.01
N HIS D 137 -5.42 -26.42 6.88
CA HIS D 137 -5.41 -27.61 7.71
C HIS D 137 -4.68 -27.40 9.03
N THR D 138 -3.77 -26.43 9.10
CA THR D 138 -2.96 -26.21 10.29
C THR D 138 -2.97 -24.73 10.64
N SER D 139 -3.15 -24.43 11.92
CA SER D 139 -3.14 -23.06 12.41
C SER D 139 -1.97 -22.77 13.34
N ALA D 140 -1.31 -23.80 13.84
CA ALA D 140 -0.22 -23.63 14.79
C ALA D 140 0.77 -24.77 14.63
N VAL D 141 1.99 -24.56 15.14
CA VAL D 141 3.05 -25.55 15.04
C VAL D 141 3.87 -25.55 16.32
N LYS D 142 4.46 -26.70 16.62
CA LYS D 142 5.28 -26.90 17.81
C LYS D 142 6.55 -27.63 17.42
N ILE D 143 7.67 -27.24 18.03
CA ILE D 143 9.00 -27.63 17.59
C ILE D 143 9.73 -28.30 18.75
N ARG D 144 10.64 -29.22 18.42
CA ARG D 144 11.45 -29.89 19.41
C ARG D 144 12.83 -30.18 18.87
N GLY D 145 13.81 -30.15 19.78
CA GLY D 145 15.21 -30.02 19.41
C GLY D 145 15.62 -28.56 19.44
N LYS D 146 16.93 -28.34 19.31
CA LYS D 146 17.48 -27.00 19.24
C LYS D 146 17.54 -26.56 17.78
N ALA D 147 17.04 -25.36 17.51
CA ALA D 147 16.90 -24.90 16.14
C ALA D 147 16.86 -23.39 16.12
N ILE D 148 16.97 -22.83 14.92
CA ILE D 148 16.85 -21.39 14.68
C ILE D 148 15.58 -21.15 13.89
N ILE D 149 14.91 -20.04 14.18
CA ILE D 149 13.65 -19.69 13.54
C ILE D 149 13.73 -18.28 13.00
N GLN D 150 13.18 -18.07 11.82
CA GLN D 150 13.10 -16.76 11.20
C GLN D 150 11.69 -16.53 10.69
N THR D 151 11.22 -15.30 10.81
CA THR D 151 9.87 -14.94 10.42
C THR D 151 9.89 -13.56 9.78
N SER D 152 8.69 -13.08 9.42
CA SER D 152 8.56 -11.71 8.94
C SER D 152 8.83 -10.70 10.03
N TYR D 153 8.91 -11.14 11.29
CA TYR D 153 9.13 -10.26 12.42
C TYR D 153 10.59 -10.21 12.84
N GLY D 154 11.37 -11.24 12.53
CA GLY D 154 12.76 -11.31 12.95
C GLY D 154 13.26 -12.73 13.04
N THR D 155 14.13 -13.00 14.00
CA THR D 155 14.72 -14.32 14.19
C THR D 155 14.55 -14.75 15.64
N LEU D 156 14.66 -16.06 15.86
CA LEU D 156 14.51 -16.62 17.19
C LEU D 156 15.34 -17.89 17.29
N ASP D 157 16.14 -17.98 18.35
CA ASP D 157 16.98 -19.13 18.61
C ASP D 157 16.46 -19.91 19.80
N THR D 158 16.52 -21.24 19.71
CA THR D 158 16.02 -22.09 20.78
C THR D 158 16.88 -21.99 22.04
N GLU D 159 18.12 -21.52 21.90
CA GLU D 159 19.02 -21.39 23.06
C GLU D 159 19.06 -19.94 23.53
N ASN E 8 -3.43 8.64 -14.27
CA ASN E 8 -2.47 9.65 -13.85
C ASN E 8 -2.71 10.95 -14.62
N PHE E 9 -1.86 11.95 -14.36
CA PHE E 9 -2.04 13.26 -14.98
C PHE E 9 -0.68 13.88 -15.27
N PHE E 10 -0.73 14.99 -15.99
CA PHE E 10 0.47 15.73 -16.35
C PHE E 10 0.15 17.22 -16.35
N VAL E 11 1.20 18.04 -16.35
CA VAL E 11 1.08 19.49 -16.30
C VAL E 11 1.96 20.09 -17.38
N ILE E 12 1.46 21.14 -18.03
CA ILE E 12 2.20 21.86 -19.05
C ILE E 12 2.18 23.34 -18.72
N LYS E 13 3.23 24.05 -19.11
CA LYS E 13 3.29 25.50 -19.04
C LYS E 13 3.85 26.05 -20.34
N ALA E 14 3.30 27.17 -20.80
CA ALA E 14 3.65 27.75 -22.09
C ALA E 14 4.63 28.90 -21.91
N LYS E 15 5.70 28.88 -22.70
CA LYS E 15 6.67 29.97 -22.73
C LYS E 15 6.45 30.95 -23.86
N GLU E 16 5.43 30.73 -24.70
CA GLU E 16 5.19 31.57 -25.86
C GLU E 16 3.73 31.43 -26.27
N ASN E 17 3.39 32.10 -27.37
CA ASN E 17 2.08 31.93 -27.97
C ASN E 17 2.12 30.89 -29.07
N GLY E 18 1.10 30.03 -29.10
CA GLY E 18 0.99 29.03 -30.13
C GLY E 18 1.43 27.64 -29.74
N VAL E 19 1.82 27.41 -28.47
CA VAL E 19 2.13 26.07 -28.02
C VAL E 19 0.92 25.19 -28.29
N ASN E 20 1.15 24.05 -28.96
CA ASN E 20 0.07 23.24 -29.51
C ASN E 20 0.03 21.88 -28.84
N VAL E 21 -1.16 21.29 -28.82
CA VAL E 21 -1.39 19.96 -28.25
C VAL E 21 -2.17 19.14 -29.26
N PHE E 22 -1.66 17.96 -29.58
CA PHE E 22 -2.34 17.01 -30.45
C PHE E 22 -2.71 15.77 -29.66
N GLY E 23 -3.99 15.41 -29.70
CA GLY E 23 -4.43 14.16 -29.08
C GLY E 23 -4.51 13.05 -30.11
N MET E 24 -3.85 11.94 -29.81
CA MET E 24 -3.81 10.78 -30.69
C MET E 24 -4.94 9.83 -30.34
N THR E 25 -5.64 9.34 -31.36
CA THR E 25 -6.69 8.37 -31.15
C THR E 25 -6.12 7.08 -30.57
N ARG E 26 -6.78 6.56 -29.53
CA ARG E 26 -6.32 5.33 -28.90
C ARG E 26 -6.49 4.15 -29.85
N GLY E 27 -5.44 3.36 -29.99
CA GLY E 27 -5.48 2.19 -30.86
C GLY E 27 -4.42 2.28 -31.93
N THR E 28 -4.36 1.23 -32.75
CA THR E 28 -3.39 1.21 -33.85
C THR E 28 -3.65 2.34 -34.83
N ASP E 29 -4.92 2.59 -35.16
CA ASP E 29 -5.29 3.69 -36.04
C ASP E 29 -5.02 5.00 -35.30
N THR E 30 -3.97 5.70 -35.71
CA THR E 30 -3.50 6.90 -35.01
C THR E 30 -3.67 8.10 -35.92
N ARG E 31 -4.36 9.13 -35.41
CA ARG E 31 -4.43 10.42 -36.07
C ARG E 31 -4.78 11.46 -35.01
N PHE E 32 -4.58 12.73 -35.36
CA PHE E 32 -4.72 13.84 -34.43
C PHE E 32 -6.13 14.39 -34.52
N HIS E 33 -6.80 14.49 -33.37
CA HIS E 33 -8.18 14.97 -33.33
C HIS E 33 -8.29 16.40 -32.84
N HIS E 34 -7.21 16.99 -32.32
CA HIS E 34 -7.26 18.33 -31.76
C HIS E 34 -5.94 19.02 -32.03
N SER E 35 -6.01 20.36 -32.11
CA SER E 35 -4.82 21.19 -32.28
C SER E 35 -5.01 22.43 -31.41
N GLU E 36 -4.56 22.34 -30.16
CA GLU E 36 -4.74 23.43 -29.22
C GLU E 36 -3.80 24.58 -29.56
N LYS E 37 -4.10 25.76 -29.01
CA LYS E 37 -3.23 26.92 -29.12
C LYS E 37 -3.12 27.55 -27.73
N LEU E 38 -1.89 27.64 -27.24
CA LEU E 38 -1.65 28.19 -25.90
C LEU E 38 -0.82 29.47 -26.00
N ASP E 39 -1.33 30.52 -25.36
CA ASP E 39 -0.62 31.80 -25.30
C ASP E 39 0.50 31.73 -24.27
N LYS E 40 1.28 32.80 -24.20
CA LYS E 40 2.36 32.88 -23.21
C LYS E 40 1.79 32.92 -21.81
N GLY E 41 2.36 32.09 -20.92
CA GLY E 41 1.87 31.97 -19.57
C GLY E 41 0.79 30.94 -19.36
N GLU E 42 0.41 30.20 -20.39
CA GLU E 42 -0.62 29.17 -20.25
C GLU E 42 -0.16 28.05 -19.34
N VAL E 43 -1.14 27.39 -18.73
CA VAL E 43 -0.94 26.21 -17.92
C VAL E 43 -2.09 25.25 -18.20
N MET E 44 -1.75 23.99 -18.48
CA MET E 44 -2.75 23.00 -18.86
C MET E 44 -2.64 21.79 -17.96
N ILE E 45 -3.80 21.23 -17.62
CA ILE E 45 -3.90 20.01 -16.84
C ILE E 45 -4.89 19.09 -17.55
N ALA E 46 -4.54 17.82 -17.66
CA ALA E 46 -5.38 16.88 -18.39
C ALA E 46 -5.10 15.46 -17.94
N GLN E 47 -6.00 14.56 -18.29
CA GLN E 47 -5.89 13.15 -17.96
C GLN E 47 -5.60 12.33 -19.21
N PHE E 48 -5.27 11.07 -19.00
CA PHE E 48 -5.27 10.08 -20.07
C PHE E 48 -6.58 9.31 -20.06
N THR E 49 -7.28 9.37 -21.20
CA THR E 49 -8.64 8.87 -21.30
C THR E 49 -8.68 7.72 -22.30
N GLU E 50 -9.79 6.98 -22.25
CA GLU E 50 -10.01 5.92 -23.23
C GLU E 50 -9.97 6.45 -24.66
N HIS E 51 -10.35 7.71 -24.86
CA HIS E 51 -10.29 8.30 -26.19
C HIS E 51 -8.87 8.75 -26.54
N THR E 52 -8.06 9.11 -25.55
CA THR E 52 -6.72 9.63 -25.78
C THR E 52 -5.75 8.89 -24.87
N SER E 53 -4.90 8.05 -25.48
CA SER E 53 -3.87 7.34 -24.74
C SER E 53 -2.50 8.00 -24.86
N ALA E 54 -2.35 8.96 -25.77
CA ALA E 54 -1.07 9.63 -25.98
C ALA E 54 -1.32 11.07 -26.36
N VAL E 55 -0.30 11.91 -26.15
CA VAL E 55 -0.38 13.33 -26.43
C VAL E 55 0.93 13.79 -27.05
N LYS E 56 0.83 14.65 -28.06
CA LYS E 56 1.98 15.24 -28.72
C LYS E 56 1.99 16.74 -28.43
N ILE E 57 3.10 17.22 -27.88
CA ILE E 57 3.24 18.61 -27.47
C ILE E 57 4.17 19.32 -28.44
N ARG E 58 3.87 20.58 -28.73
CA ARG E 58 4.65 21.34 -29.70
C ARG E 58 4.75 22.78 -29.23
N GLY E 59 5.89 23.40 -29.51
CA GLY E 59 6.13 24.78 -29.12
C GLY E 59 6.95 24.89 -27.85
N LYS E 60 7.28 26.14 -27.51
CA LYS E 60 8.07 26.44 -26.32
C LYS E 60 7.19 26.26 -25.09
N ALA E 61 7.47 25.23 -24.30
CA ALA E 61 6.64 24.91 -23.15
C ALA E 61 7.45 24.18 -22.10
N ILE E 62 6.88 24.10 -20.91
CA ILE E 62 7.44 23.33 -19.80
C ILE E 62 6.47 22.21 -19.46
N ILE E 63 6.97 20.99 -19.43
CA ILE E 63 6.16 19.80 -19.12
C ILE E 63 6.63 19.24 -17.78
N GLN E 64 5.67 18.80 -16.98
CA GLN E 64 5.91 18.33 -15.63
C GLN E 64 5.08 17.10 -15.36
N THR E 65 5.74 16.05 -14.86
CA THR E 65 5.08 14.77 -14.62
C THR E 65 5.68 14.12 -13.39
N SER E 66 5.21 12.90 -13.11
CA SER E 66 5.71 12.16 -11.95
C SER E 66 7.18 11.82 -12.08
N TYR E 67 7.69 11.70 -13.30
CA TYR E 67 9.09 11.38 -13.52
C TYR E 67 10.01 12.59 -13.41
N GLY E 68 9.44 13.78 -13.22
CA GLY E 68 10.22 14.99 -13.07
C GLY E 68 9.72 16.13 -13.92
N THR E 69 10.54 17.17 -14.06
CA THR E 69 10.20 18.34 -14.85
C THR E 69 11.12 18.42 -16.06
N LEU E 70 10.51 18.62 -17.23
CA LEU E 70 11.24 18.66 -18.50
C LEU E 70 11.05 20.00 -19.17
N ASP E 71 12.09 20.45 -19.87
CA ASP E 71 12.06 21.67 -20.65
C ASP E 71 12.22 21.36 -22.13
N THR E 72 11.47 22.08 -22.96
CA THR E 72 11.49 21.81 -24.39
C THR E 72 12.76 22.33 -25.05
N GLU E 73 13.40 23.35 -24.46
CA GLU E 73 14.53 24.02 -25.07
C GLU E 73 15.87 23.49 -24.59
N LYS E 74 15.99 23.15 -23.31
CA LYS E 74 17.26 22.68 -22.77
C LYS E 74 17.73 21.44 -23.54
N ASP E 75 19.01 21.45 -23.90
CA ASP E 75 19.60 20.34 -24.64
C ASP E 75 19.90 19.16 -23.70
N ASN E 94 0.61 2.27 -16.60
CA ASN E 94 1.82 3.07 -16.62
C ASN E 94 1.94 3.83 -17.93
N PHE E 95 2.96 4.69 -18.01
CA PHE E 95 3.22 5.49 -19.20
C PHE E 95 4.70 5.84 -19.27
N PHE E 96 5.09 6.45 -20.39
CA PHE E 96 6.48 6.77 -20.66
C PHE E 96 6.58 8.12 -21.34
N VAL E 97 7.80 8.66 -21.36
CA VAL E 97 8.07 10.01 -21.84
C VAL E 97 9.19 9.95 -22.87
N ILE E 98 9.07 10.78 -23.90
CA ILE E 98 10.12 10.95 -24.91
C ILE E 98 10.28 12.43 -25.21
N LYS E 99 11.53 12.86 -25.36
CA LYS E 99 11.86 14.22 -25.77
C LYS E 99 12.84 14.15 -26.94
N ALA E 100 12.46 14.76 -28.06
CA ALA E 100 13.27 14.71 -29.26
C ALA E 100 14.44 15.67 -29.12
N LYS E 101 15.66 15.12 -29.09
CA LYS E 101 16.85 15.97 -29.01
C LYS E 101 17.19 16.59 -30.35
N GLU E 102 16.81 15.95 -31.45
CA GLU E 102 17.15 16.43 -32.78
C GLU E 102 15.96 16.22 -33.72
N ASN E 103 16.14 16.64 -34.96
CA ASN E 103 15.11 16.47 -35.97
C ASN E 103 15.14 15.06 -36.54
N GLY E 104 14.05 14.67 -37.19
CA GLY E 104 13.94 13.35 -37.77
C GLY E 104 13.65 12.25 -36.79
N VAL E 105 13.39 12.57 -35.52
CA VAL E 105 13.13 11.55 -34.52
C VAL E 105 11.84 10.82 -34.88
N ASN E 106 11.88 9.49 -34.85
CA ASN E 106 10.74 8.66 -35.19
C ASN E 106 10.47 7.67 -34.07
N VAL E 107 9.25 7.13 -34.07
CA VAL E 107 8.85 6.12 -33.11
C VAL E 107 7.99 5.08 -33.82
N PHE E 108 8.00 3.85 -33.30
CA PHE E 108 7.28 2.74 -33.89
C PHE E 108 6.52 2.01 -32.79
N GLY E 109 5.47 1.31 -33.16
CA GLY E 109 4.60 0.62 -32.21
C GLY E 109 4.33 -0.81 -32.61
N MET E 110 4.30 -1.70 -31.61
CA MET E 110 3.97 -3.10 -31.83
C MET E 110 2.47 -3.33 -31.81
N THR E 111 2.04 -4.35 -32.54
CA THR E 111 0.65 -4.77 -32.50
C THR E 111 0.49 -5.98 -31.57
N ARG E 112 -0.33 -5.82 -30.54
CA ARG E 112 -0.50 -6.89 -29.58
C ARG E 112 -1.19 -8.09 -30.22
N GLY E 113 -0.93 -9.27 -29.66
CA GLY E 113 -1.48 -10.50 -30.19
C GLY E 113 -0.47 -11.27 -31.01
N THR E 114 -0.95 -12.38 -31.58
CA THR E 114 -0.08 -13.23 -32.39
C THR E 114 0.45 -12.48 -33.62
N ASP E 115 -0.40 -11.70 -34.29
CA ASP E 115 0.01 -10.91 -35.44
C ASP E 115 0.99 -9.86 -34.93
N THR E 116 2.26 -10.02 -35.28
CA THR E 116 3.35 -9.23 -34.74
C THR E 116 4.06 -8.48 -35.86
N ARG E 117 4.07 -7.15 -35.77
CA ARG E 117 4.89 -6.32 -36.63
C ARG E 117 4.79 -4.88 -36.15
N PHE E 118 5.82 -4.10 -36.46
CA PHE E 118 5.84 -2.68 -36.17
C PHE E 118 4.87 -1.99 -37.11
N HIS E 119 3.71 -1.59 -36.58
CA HIS E 119 2.62 -1.10 -37.42
C HIS E 119 2.89 0.27 -38.02
N HIS E 120 3.40 1.21 -37.22
CA HIS E 120 3.54 2.59 -37.66
C HIS E 120 4.96 3.08 -37.42
N SER E 121 5.29 4.21 -38.04
CA SER E 121 6.57 4.89 -37.86
C SER E 121 6.27 6.36 -37.59
N GLU E 122 6.03 6.68 -36.32
CA GLU E 122 5.79 8.05 -35.92
C GLU E 122 7.04 8.90 -36.20
N LYS E 123 6.83 10.21 -36.27
CA LYS E 123 7.91 11.15 -36.57
C LYS E 123 7.82 12.35 -35.64
N LEU E 124 8.98 12.87 -35.24
CA LEU E 124 9.06 14.02 -34.35
C LEU E 124 10.25 14.87 -34.75
N ASP E 125 10.17 16.16 -34.43
CA ASP E 125 11.24 17.11 -34.71
C ASP E 125 11.98 17.47 -33.43
N LYS E 126 13.11 18.15 -33.60
CA LYS E 126 13.90 18.57 -32.45
C LYS E 126 13.07 19.40 -31.50
N GLY E 127 13.16 19.09 -30.21
CA GLY E 127 12.42 19.79 -29.19
C GLY E 127 11.00 19.31 -28.98
N GLU E 128 10.50 18.41 -29.82
CA GLU E 128 9.16 17.88 -29.66
C GLU E 128 9.13 16.85 -28.53
N VAL E 129 7.97 16.71 -27.91
CA VAL E 129 7.78 15.82 -26.77
C VAL E 129 6.58 14.93 -27.04
N MET E 130 6.65 13.70 -26.55
CA MET E 130 5.58 12.73 -26.68
C MET E 130 5.36 12.00 -25.37
N ILE E 131 4.09 11.70 -25.08
CA ILE E 131 3.71 10.95 -23.90
C ILE E 131 2.60 9.98 -24.31
N ALA E 132 2.65 8.77 -23.74
CA ALA E 132 1.68 7.75 -24.12
C ALA E 132 1.59 6.69 -23.02
N GLN E 133 0.38 6.20 -22.79
CA GLN E 133 0.19 5.04 -21.94
C GLN E 133 0.47 3.75 -22.71
N PHE E 134 0.36 2.64 -22.01
CA PHE E 134 0.44 1.33 -22.66
C PHE E 134 -0.97 0.77 -22.85
N THR E 135 -1.29 0.45 -24.10
CA THR E 135 -2.66 0.13 -24.48
C THR E 135 -2.78 -1.37 -24.78
N GLU E 136 -4.04 -1.81 -24.89
CA GLU E 136 -4.30 -3.19 -25.27
C GLU E 136 -3.88 -3.44 -26.72
N HIS E 137 -3.72 -2.38 -27.51
CA HIS E 137 -3.33 -2.53 -28.90
C HIS E 137 -1.83 -2.60 -29.09
N THR E 138 -1.06 -2.07 -28.14
CA THR E 138 0.39 -2.01 -28.27
C THR E 138 1.03 -2.51 -26.98
N SER E 139 2.05 -3.34 -27.12
CA SER E 139 2.79 -3.87 -25.98
C SER E 139 4.23 -3.39 -25.93
N ALA E 140 4.75 -2.85 -27.04
CA ALA E 140 6.14 -2.43 -27.11
C ALA E 140 6.25 -1.28 -28.09
N VAL E 141 7.36 -0.54 -27.99
CA VAL E 141 7.60 0.62 -28.84
C VAL E 141 9.08 0.69 -29.19
N LYS E 142 9.35 1.28 -30.35
CA LYS E 142 10.70 1.44 -30.88
C LYS E 142 10.87 2.86 -31.39
N ILE E 143 12.06 3.43 -31.15
CA ILE E 143 12.31 4.85 -31.31
C ILE E 143 13.47 5.05 -32.27
N ARG E 144 13.46 6.17 -32.98
CA ARG E 144 14.54 6.52 -33.90
C ARG E 144 14.76 8.02 -33.92
N GLY E 145 16.02 8.40 -34.13
CA GLY E 145 16.50 9.73 -33.81
C GLY E 145 17.09 9.76 -32.42
N LYS E 146 17.74 10.88 -32.10
CA LYS E 146 18.30 11.10 -30.78
C LYS E 146 17.25 11.77 -29.90
N ALA E 147 17.05 11.22 -28.71
CA ALA E 147 15.98 11.69 -27.84
C ALA E 147 16.32 11.33 -26.40
N ILE E 148 15.53 11.90 -25.49
CA ILE E 148 15.62 11.61 -24.06
C ILE E 148 14.36 10.87 -23.64
N ILE E 149 14.51 9.92 -22.72
CA ILE E 149 13.42 9.09 -22.26
C ILE E 149 13.37 9.12 -20.75
N GLN E 150 12.16 9.20 -20.20
CA GLN E 150 11.94 9.16 -18.76
C GLN E 150 10.83 8.16 -18.46
N THR E 151 10.99 7.44 -17.36
CA THR E 151 10.05 6.41 -16.96
C THR E 151 9.86 6.45 -15.46
N SER E 152 9.06 5.50 -14.95
CA SER E 152 8.93 5.34 -13.51
C SER E 152 10.21 4.82 -12.88
N TYR E 153 11.17 4.37 -13.70
CA TYR E 153 12.42 3.81 -13.22
C TYR E 153 13.55 4.84 -13.22
N GLY E 154 13.45 5.87 -14.06
CA GLY E 154 14.51 6.85 -14.18
C GLY E 154 14.50 7.54 -15.53
N THR E 155 15.68 7.87 -16.05
CA THR E 155 15.82 8.54 -17.32
C THR E 155 16.81 7.80 -18.20
N LEU E 156 16.72 8.03 -19.51
CA LEU E 156 17.59 7.38 -20.48
C LEU E 156 17.80 8.32 -21.66
N ASP E 157 19.07 8.49 -22.04
CA ASP E 157 19.44 9.32 -23.17
C ASP E 157 19.94 8.47 -24.32
N THR E 158 19.57 8.84 -25.53
CA THR E 158 19.98 8.08 -26.71
C THR E 158 21.48 8.17 -26.97
N GLU E 159 22.14 9.18 -26.42
CA GLU E 159 23.58 9.35 -26.61
C GLU E 159 24.35 8.87 -25.39
N ASN F 8 4.67 -5.75 -15.30
CA ASN F 8 5.86 -4.92 -15.22
C ASN F 8 6.47 -4.73 -16.60
N PHE F 9 7.60 -4.04 -16.66
CA PHE F 9 8.23 -3.73 -17.94
C PHE F 9 9.74 -3.75 -17.79
N PHE F 10 10.41 -3.65 -18.93
CA PHE F 10 11.87 -3.64 -18.98
C PHE F 10 12.32 -2.72 -20.10
N VAL F 11 13.59 -2.36 -20.08
CA VAL F 11 14.18 -1.44 -21.05
C VAL F 11 15.47 -2.05 -21.58
N ILE F 12 15.71 -1.88 -22.88
CA ILE F 12 16.93 -2.35 -23.52
C ILE F 12 17.54 -1.20 -24.30
N LYS F 13 18.86 -1.22 -24.43
CA LYS F 13 19.60 -0.30 -25.29
C LYS F 13 20.64 -1.09 -26.08
N ALA F 14 20.83 -0.71 -27.34
CA ALA F 14 21.70 -1.44 -28.24
C ALA F 14 23.05 -0.73 -28.37
N LYS F 15 24.13 -1.50 -28.25
CA LYS F 15 25.47 -0.99 -28.44
C LYS F 15 26.03 -1.28 -29.83
N GLU F 16 25.26 -1.95 -30.69
CA GLU F 16 25.73 -2.35 -32.01
C GLU F 16 24.53 -2.58 -32.91
N ASN F 17 24.83 -3.02 -34.13
CA ASN F 17 23.78 -3.42 -35.05
C ASN F 17 23.57 -4.93 -34.98
N GLY F 18 22.30 -5.34 -34.97
CA GLY F 18 21.96 -6.75 -34.97
C GLY F 18 21.57 -7.32 -33.62
N VAL F 19 21.49 -6.49 -32.57
CA VAL F 19 20.99 -6.97 -31.30
C VAL F 19 19.61 -7.56 -31.51
N ASN F 20 19.41 -8.79 -31.04
CA ASN F 20 18.25 -9.58 -31.39
C ASN F 20 17.40 -9.85 -30.16
N VAL F 21 16.10 -10.04 -30.39
CA VAL F 21 15.13 -10.35 -29.34
C VAL F 21 14.32 -11.56 -29.79
N PHE F 22 14.23 -12.57 -28.94
CA PHE F 22 13.42 -13.75 -29.18
C PHE F 22 12.31 -13.83 -28.13
N GLY F 23 11.07 -13.90 -28.59
CA GLY F 23 9.96 -14.10 -27.67
C GLY F 23 9.59 -15.57 -27.58
N MET F 24 9.54 -16.07 -26.35
CA MET F 24 9.22 -17.47 -26.08
C MET F 24 7.72 -17.63 -25.86
N THR F 25 7.14 -18.64 -26.49
CA THR F 25 5.73 -18.93 -26.30
C THR F 25 5.46 -19.30 -24.85
N ARG F 26 4.41 -18.71 -24.28
CA ARG F 26 4.05 -18.99 -22.89
C ARG F 26 3.56 -20.42 -22.76
N GLY F 27 4.09 -21.14 -21.78
CA GLY F 27 3.69 -22.51 -21.53
C GLY F 27 4.89 -23.44 -21.63
N THR F 28 4.62 -24.73 -21.39
CA THR F 28 5.68 -25.73 -21.48
C THR F 28 6.24 -25.80 -22.89
N ASP F 29 5.37 -25.76 -23.90
CA ASP F 29 5.80 -25.75 -25.30
C ASP F 29 6.48 -24.42 -25.58
N THR F 30 7.81 -24.46 -25.71
CA THR F 30 8.62 -23.26 -25.84
C THR F 30 9.28 -23.24 -27.21
N ARG F 31 9.07 -22.14 -27.95
CA ARG F 31 9.79 -21.88 -29.18
C ARG F 31 9.74 -20.38 -29.45
N PHE F 32 10.60 -19.93 -30.36
CA PHE F 32 10.81 -18.51 -30.61
C PHE F 32 9.90 -18.08 -31.76
N HIS F 33 9.12 -17.03 -31.54
CA HIS F 33 8.18 -16.55 -32.53
C HIS F 33 8.66 -15.29 -33.25
N HIS F 34 9.73 -14.66 -32.76
CA HIS F 34 10.21 -13.42 -33.33
C HIS F 34 11.73 -13.36 -33.24
N SER F 35 12.32 -12.63 -34.17
CA SER F 35 13.77 -12.41 -34.19
C SER F 35 14.00 -10.97 -34.59
N GLU F 36 14.05 -10.08 -33.60
CA GLU F 36 14.22 -8.66 -33.86
C GLU F 36 15.64 -8.36 -34.30
N LYS F 37 15.83 -7.19 -34.90
CA LYS F 37 17.16 -6.68 -35.26
C LYS F 37 17.22 -5.23 -34.83
N LEU F 38 18.19 -4.91 -33.97
CA LEU F 38 18.35 -3.57 -33.45
C LEU F 38 19.68 -2.98 -33.89
N ASP F 39 19.61 -1.78 -34.47
CA ASP F 39 20.81 -1.06 -34.88
C ASP F 39 21.47 -0.42 -33.67
N LYS F 40 22.64 0.19 -33.91
CA LYS F 40 23.36 0.87 -32.85
C LYS F 40 22.57 2.09 -32.38
N GLY F 41 22.44 2.22 -31.06
CA GLY F 41 21.66 3.30 -30.48
C GLY F 41 20.19 2.98 -30.26
N GLU F 42 19.76 1.76 -30.56
CA GLU F 42 18.36 1.39 -30.37
C GLU F 42 17.99 1.38 -28.89
N VAL F 43 16.70 1.60 -28.65
CA VAL F 43 16.11 1.51 -27.32
C VAL F 43 14.74 0.87 -27.47
N MET F 44 14.49 -0.14 -26.64
CA MET F 44 13.27 -0.93 -26.74
C MET F 44 12.55 -0.94 -25.40
N ILE F 45 11.23 -0.86 -25.46
CA ILE F 45 10.36 -0.96 -24.29
C ILE F 45 9.26 -1.95 -24.62
N ALA F 46 8.95 -2.84 -23.69
CA ALA F 46 7.96 -3.88 -23.93
C ALA F 46 7.42 -4.39 -22.61
N GLN F 47 6.30 -5.10 -22.71
CA GLN F 47 5.63 -5.69 -21.56
C GLN F 47 5.78 -7.22 -21.58
N PHE F 48 5.39 -7.84 -20.48
CA PHE F 48 5.16 -9.27 -20.44
C PHE F 48 3.68 -9.57 -20.64
N THR F 49 3.39 -10.35 -21.68
CA THR F 49 2.02 -10.57 -22.13
C THR F 49 1.67 -12.04 -21.98
N GLU F 50 0.36 -12.30 -22.04
CA GLU F 50 -0.11 -13.69 -22.03
C GLU F 50 0.52 -14.51 -23.14
N HIS F 51 0.85 -13.87 -24.27
CA HIS F 51 1.51 -14.59 -25.36
C HIS F 51 2.99 -14.77 -25.10
N THR F 52 3.62 -13.86 -24.36
CA THR F 52 5.07 -13.90 -24.12
C THR F 52 5.30 -13.74 -22.62
N SER F 53 5.76 -14.82 -21.99
CA SER F 53 6.11 -14.78 -20.57
C SER F 53 7.60 -14.64 -20.35
N ALA F 54 8.42 -14.82 -21.39
CA ALA F 54 9.86 -14.74 -21.26
C ALA F 54 10.44 -14.16 -22.55
N VAL F 55 11.65 -13.62 -22.43
CA VAL F 55 12.35 -12.98 -23.54
C VAL F 55 13.81 -13.36 -23.50
N LYS F 56 14.39 -13.63 -24.66
CA LYS F 56 15.80 -13.94 -24.81
C LYS F 56 16.47 -12.83 -25.60
N ILE F 57 17.51 -12.24 -25.02
CA ILE F 57 18.20 -11.10 -25.61
C ILE F 57 19.55 -11.57 -26.12
N ARG F 58 19.99 -11.01 -27.25
CA ARG F 58 21.23 -11.42 -27.88
C ARG F 58 21.91 -10.19 -28.48
N GLY F 59 23.23 -10.20 -28.44
CA GLY F 59 24.01 -9.10 -28.98
C GLY F 59 24.45 -8.12 -27.91
N LYS F 60 25.26 -7.14 -28.35
CA LYS F 60 25.79 -6.12 -27.46
C LYS F 60 24.66 -5.13 -27.12
N ALA F 61 24.22 -5.15 -25.87
CA ALA F 61 23.10 -4.33 -25.47
C ALA F 61 23.18 -4.03 -23.98
N ILE F 62 22.38 -3.06 -23.55
CA ILE F 62 22.23 -2.71 -22.15
C ILE F 62 20.78 -2.99 -21.75
N ILE F 63 20.60 -3.75 -20.67
CA ILE F 63 19.29 -4.11 -20.17
C ILE F 63 19.08 -3.44 -18.82
N GLN F 64 17.88 -2.95 -18.59
CA GLN F 64 17.55 -2.19 -17.40
C GLN F 64 16.18 -2.61 -16.89
N THR F 65 16.12 -2.91 -15.60
CA THR F 65 14.89 -3.40 -14.98
C THR F 65 14.79 -2.88 -13.56
N SER F 66 13.74 -3.32 -12.87
CA SER F 66 13.52 -2.91 -11.49
C SER F 66 14.64 -3.39 -10.57
N TYR F 67 15.30 -4.49 -10.91
CA TYR F 67 16.37 -5.03 -10.09
C TYR F 67 17.70 -4.33 -10.33
N GLY F 68 17.75 -3.40 -11.28
CA GLY F 68 18.96 -2.66 -11.56
C GLY F 68 19.30 -2.59 -13.04
N THR F 69 20.52 -2.20 -13.36
CA THR F 69 20.99 -2.07 -14.73
C THR F 69 22.08 -3.10 -14.98
N LEU F 70 21.93 -3.84 -16.08
CA LEU F 70 22.87 -4.90 -16.42
C LEU F 70 23.52 -4.62 -17.76
N ASP F 71 24.76 -5.04 -17.90
CA ASP F 71 25.52 -4.91 -19.14
C ASP F 71 25.84 -6.30 -19.68
N THR F 72 25.76 -6.45 -21.01
CA THR F 72 25.99 -7.75 -21.62
C THR F 72 27.46 -8.11 -21.66
N GLU F 73 28.34 -7.11 -21.65
CA GLU F 73 29.78 -7.33 -21.83
C GLU F 73 30.53 -7.43 -20.52
N LYS F 74 30.17 -6.63 -19.51
CA LYS F 74 30.88 -6.65 -18.25
C LYS F 74 30.86 -8.03 -17.64
N ASP F 75 32.03 -8.48 -17.18
CA ASP F 75 32.17 -9.79 -16.56
C ASP F 75 31.63 -9.79 -15.14
N ASN F 94 5.52 -11.88 -10.41
CA ASN F 94 6.94 -11.56 -10.30
C ASN F 94 7.73 -12.16 -11.47
N PHE F 95 9.02 -11.85 -11.53
CA PHE F 95 9.89 -12.35 -12.57
C PHE F 95 11.33 -12.37 -12.06
N PHE F 96 12.22 -12.93 -12.86
CA PHE F 96 13.61 -13.13 -12.49
C PHE F 96 14.51 -12.88 -13.69
N VAL F 97 15.80 -12.71 -13.41
CA VAL F 97 16.79 -12.33 -14.41
C VAL F 97 17.95 -13.32 -14.36
N ILE F 98 18.50 -13.63 -15.54
CA ILE F 98 19.69 -14.46 -15.66
C ILE F 98 20.61 -13.83 -16.70
N LYS F 99 21.92 -13.85 -16.41
CA LYS F 99 22.94 -13.40 -17.32
C LYS F 99 24.01 -14.49 -17.42
N ALA F 100 24.25 -14.97 -18.63
CA ALA F 100 25.19 -16.06 -18.86
C ALA F 100 26.61 -15.52 -18.79
N LYS F 101 27.37 -15.97 -17.77
CA LYS F 101 28.76 -15.54 -17.65
C LYS F 101 29.66 -16.27 -18.63
N GLU F 102 29.28 -17.48 -19.04
CA GLU F 102 30.12 -18.30 -19.91
C GLU F 102 29.23 -19.02 -20.91
N ASN F 103 29.88 -19.78 -21.79
CA ASN F 103 29.17 -20.56 -22.79
C ASN F 103 28.65 -21.85 -22.18
N GLY F 104 27.68 -22.47 -22.87
CA GLY F 104 27.09 -23.70 -22.40
C GLY F 104 26.09 -23.55 -21.30
N VAL F 105 25.73 -22.31 -20.94
CA VAL F 105 24.77 -22.11 -19.86
C VAL F 105 23.42 -22.66 -20.27
N ASN F 106 22.81 -23.43 -19.38
CA ASN F 106 21.52 -24.06 -19.63
C ASN F 106 20.56 -23.73 -18.51
N VAL F 107 19.26 -23.90 -18.79
CA VAL F 107 18.20 -23.69 -17.81
C VAL F 107 17.14 -24.77 -18.00
N PHE F 108 16.45 -25.09 -16.91
CA PHE F 108 15.43 -26.13 -16.90
C PHE F 108 14.18 -25.60 -16.22
N GLY F 109 13.04 -26.19 -16.53
CA GLY F 109 11.76 -25.73 -16.00
C GLY F 109 10.93 -26.87 -15.46
N MET F 110 10.25 -26.61 -14.35
CA MET F 110 9.34 -27.57 -13.74
C MET F 110 7.96 -27.51 -14.36
N THR F 111 7.27 -28.64 -14.34
CA THR F 111 5.88 -28.70 -14.78
C THR F 111 4.95 -28.66 -13.58
N ARG F 112 4.09 -27.65 -13.52
CA ARG F 112 3.20 -27.50 -12.38
C ARG F 112 2.20 -28.64 -12.33
N GLY F 113 1.71 -28.93 -11.12
CA GLY F 113 0.78 -30.02 -10.92
C GLY F 113 1.45 -31.25 -10.36
N THR F 114 0.64 -32.30 -10.22
CA THR F 114 1.16 -33.55 -9.68
C THR F 114 2.25 -34.15 -10.56
N ASP F 115 2.06 -34.12 -11.89
CA ASP F 115 3.07 -34.61 -12.82
C ASP F 115 4.29 -33.70 -12.70
N THR F 116 5.36 -34.24 -12.12
CA THR F 116 6.54 -33.45 -11.76
C THR F 116 7.75 -33.99 -12.50
N ARG F 117 8.38 -33.12 -13.29
CA ARG F 117 9.68 -33.41 -13.88
C ARG F 117 10.18 -32.16 -14.59
N PHE F 118 11.50 -32.07 -14.72
CA PHE F 118 12.13 -30.99 -15.46
C PHE F 118 11.87 -31.22 -16.95
N HIS F 119 10.96 -30.42 -17.52
CA HIS F 119 10.47 -30.67 -18.86
C HIS F 119 11.51 -30.36 -19.94
N HIS F 120 12.20 -29.23 -19.83
CA HIS F 120 13.09 -28.77 -20.89
C HIS F 120 14.47 -28.45 -20.31
N SER F 121 15.43 -28.32 -21.22
CA SER F 121 16.80 -27.93 -20.89
C SER F 121 17.20 -26.79 -21.84
N GLU F 122 16.86 -25.57 -21.45
CA GLU F 122 17.23 -24.41 -22.24
C GLU F 122 18.75 -24.27 -22.29
N LYS F 123 19.24 -23.53 -23.27
CA LYS F 123 20.66 -23.33 -23.48
C LYS F 123 20.94 -21.87 -23.76
N LEU F 124 22.08 -21.38 -23.27
CA LEU F 124 22.49 -20.01 -23.47
C LEU F 124 24.01 -19.96 -23.62
N ASP F 125 24.49 -18.92 -24.31
CA ASP F 125 25.91 -18.72 -24.51
C ASP F 125 26.41 -17.57 -23.64
N LYS F 126 27.74 -17.43 -23.58
CA LYS F 126 28.35 -16.37 -22.79
C LYS F 126 27.82 -15.01 -23.24
N GLY F 127 27.43 -14.20 -22.25
CA GLY F 127 26.91 -12.87 -22.53
C GLY F 127 25.43 -12.82 -22.84
N GLU F 128 24.78 -13.97 -23.00
CA GLU F 128 23.35 -13.98 -23.27
C GLU F 128 22.56 -13.70 -21.99
N VAL F 129 21.38 -13.14 -22.17
CA VAL F 129 20.52 -12.75 -21.05
C VAL F 129 19.13 -13.35 -21.26
N MET F 130 18.49 -13.70 -20.16
CA MET F 130 17.14 -14.25 -20.18
C MET F 130 16.30 -13.62 -19.08
N ILE F 131 15.02 -13.42 -19.39
CA ILE F 131 14.05 -12.88 -18.45
C ILE F 131 12.75 -13.65 -18.62
N ALA F 132 12.06 -13.93 -17.52
CA ALA F 132 10.85 -14.71 -17.58
C ALA F 132 10.00 -14.47 -16.33
N GLN F 133 8.69 -14.42 -16.52
CA GLN F 133 7.76 -14.42 -15.40
C GLN F 133 7.56 -15.83 -14.87
N PHE F 134 6.77 -15.92 -13.81
CA PHE F 134 6.35 -17.23 -13.30
C PHE F 134 4.94 -17.53 -13.77
N THR F 135 4.80 -18.69 -14.43
CA THR F 135 3.59 -19.01 -15.16
C THR F 135 2.84 -20.12 -14.44
N GLU F 136 1.59 -20.32 -14.86
CA GLU F 136 0.79 -21.42 -14.33
C GLU F 136 1.35 -22.77 -14.77
N HIS F 137 2.19 -22.78 -15.80
CA HIS F 137 2.76 -24.03 -16.28
C HIS F 137 4.05 -24.40 -15.56
N THR F 138 4.73 -23.42 -14.96
CA THR F 138 6.02 -23.67 -14.31
C THR F 138 6.02 -23.02 -12.95
N SER F 139 6.50 -23.75 -11.94
CA SER F 139 6.60 -23.24 -10.59
C SER F 139 8.04 -23.09 -10.12
N ALA F 140 8.99 -23.70 -10.80
CA ALA F 140 10.38 -23.69 -10.39
C ALA F 140 11.26 -23.79 -11.62
N VAL F 141 12.54 -23.40 -11.46
CA VAL F 141 13.50 -23.42 -12.55
C VAL F 141 14.86 -23.85 -12.02
N LYS F 142 15.65 -24.44 -12.91
CA LYS F 142 16.99 -24.93 -12.60
C LYS F 142 17.94 -24.50 -13.70
N ILE F 143 19.16 -24.13 -13.30
CA ILE F 143 20.10 -23.43 -14.19
C ILE F 143 21.40 -24.22 -14.24
N ARG F 144 22.10 -24.11 -15.37
CA ARG F 144 23.38 -24.77 -15.54
C ARG F 144 24.30 -23.91 -16.40
N GLY F 145 25.60 -24.01 -16.10
CA GLY F 145 26.57 -23.03 -16.53
C GLY F 145 26.76 -21.97 -15.45
N LYS F 146 27.77 -21.14 -15.66
CA LYS F 146 28.05 -20.02 -14.77
C LYS F 146 27.28 -18.80 -15.25
N ALA F 147 26.57 -18.14 -14.33
CA ALA F 147 25.69 -17.06 -14.70
C ALA F 147 25.45 -16.16 -13.49
N ILE F 148 24.85 -15.00 -13.75
CA ILE F 148 24.46 -14.06 -12.73
C ILE F 148 22.95 -14.01 -12.68
N ILE F 149 22.40 -13.86 -11.47
CA ILE F 149 20.96 -13.86 -11.25
C ILE F 149 20.58 -12.62 -10.45
N GLN F 150 19.47 -12.01 -10.83
CA GLN F 150 18.93 -10.86 -10.11
C GLN F 150 17.44 -11.07 -9.89
N THR F 151 16.96 -10.65 -8.72
CA THR F 151 15.57 -10.83 -8.34
C THR F 151 15.10 -9.60 -7.60
N SER F 152 13.84 -9.66 -7.14
CA SER F 152 13.31 -8.59 -6.29
C SER F 152 14.00 -8.55 -4.94
N TYR F 153 14.77 -9.58 -4.61
CA TYR F 153 15.45 -9.68 -3.32
C TYR F 153 16.89 -9.22 -3.39
N GLY F 154 17.51 -9.26 -4.57
CA GLY F 154 18.90 -8.89 -4.72
C GLY F 154 19.54 -9.56 -5.92
N THR F 155 20.81 -9.91 -5.80
CA THR F 155 21.57 -10.55 -6.87
C THR F 155 22.24 -11.81 -6.37
N LEU F 156 22.59 -12.69 -7.30
CA LEU F 156 23.23 -13.95 -6.97
C LEU F 156 24.14 -14.36 -8.13
N ASP F 157 25.38 -14.71 -7.79
CA ASP F 157 26.36 -15.16 -8.76
C ASP F 157 26.63 -16.65 -8.59
N THR F 158 26.79 -17.35 -9.71
CA THR F 158 27.04 -18.78 -9.66
C THR F 158 28.42 -19.11 -9.09
N GLU F 159 29.33 -18.16 -9.08
CA GLU F 159 30.67 -18.38 -8.54
C GLU F 159 30.80 -17.79 -7.14
#